data_6HXR
#
_entry.id   6HXR
#
_cell.length_a   148.064
_cell.length_b   148.064
_cell.length_c   99.730
_cell.angle_alpha   90.00
_cell.angle_beta   90.00
_cell.angle_gamma   90.00
#
_symmetry.space_group_name_H-M   'P 43 21 2'
#
loop_
_entity.id
_entity.type
_entity.pdbx_description
1 polymer 'Mono [ADP-ribose] polymerase PARP16'
2 non-polymer 2-[4-[(2S,3S,4R,5R)-5-(6-aminopurin-9-yl)-3,4-bis(oxidanyl)oxolan-2-yl]carbonylpiperazin-1-yl]-N-(1-oxidanylidene-2,3-dihydroisoindol-4-yl)ethanamide
#
_entity_poly.entity_id   1
_entity_poly.type   'polypeptide(L)'
_entity_poly.pdbx_seq_one_letter_code
;MHHHHHHSSGVDLGTENLYFQSMGWAAAREAAGRDMLAADLRCSLFASALQSYKRDSVLRPFPASYARGDCKDFEALLAD
ASKLPNLKELLQSSGDNHKRAWDLVSWILSSKVLTIHSAGKAEFEKIQKLTGAPHTPVPAPDFLFEIEYFDPANAKFYET
KGERDLIYAFHGSRLENFHSIIHNGLHCHLNKTSLFGEGTYLTSDLSLALIYSPHGHGWQHSLLGPILSCVAVCEVIDHP
DVKCQTKKKDSKEIDRRRARIKHSEGGDIPPKYFVVTNNQLLRVKYLLVYSQKPPKRA
;
_entity_poly.pdbx_strand_id   A,B,C
#
loop_
_chem_comp.id
_chem_comp.type
_chem_comp.name
_chem_comp.formula
UHB non-polymer 2-[4-[(2S,3S,4R,5R)-5-(6-aminopurin-9-yl)-3,4-bis(oxidanyl)oxolan-2-yl]carbonylpiperazin-1-yl]-N-(1-oxidanylidene-2,3-dihydroisoindol-4-yl)ethanamide 'C24 H27 N9 O6'
#
# COMPACT_ATOMS: atom_id res chain seq x y z
N MET A 23 -22.80 -17.55 1.99
CA MET A 23 -21.73 -18.53 1.64
C MET A 23 -21.53 -19.56 2.78
N GLY A 24 -21.36 -20.83 2.42
CA GLY A 24 -21.14 -21.94 3.34
C GLY A 24 -19.79 -21.93 4.06
N TRP A 25 -19.65 -22.80 5.05
CA TRP A 25 -18.48 -22.92 5.93
C TRP A 25 -17.23 -23.40 5.22
N ALA A 26 -17.35 -24.41 4.32
CA ALA A 26 -16.21 -24.95 3.60
C ALA A 26 -15.68 -23.92 2.61
N ALA A 27 -16.60 -23.18 1.97
CA ALA A 27 -16.25 -22.11 1.07
C ALA A 27 -15.54 -20.99 1.84
N ALA A 28 -15.99 -20.71 3.09
CA ALA A 28 -15.44 -19.69 3.99
C ALA A 28 -14.02 -20.10 4.39
N ARG A 29 -13.82 -21.39 4.71
CA ARG A 29 -12.56 -21.93 5.16
C ARG A 29 -11.48 -21.86 4.02
N GLU A 30 -11.90 -22.02 2.77
CA GLU A 30 -11.05 -21.93 1.59
C GLU A 30 -10.69 -20.49 1.34
N ALA A 31 -11.68 -19.59 1.42
CA ALA A 31 -11.45 -18.17 1.21
C ALA A 31 -10.48 -17.59 2.24
N ALA A 32 -10.70 -17.92 3.53
CA ALA A 32 -9.88 -17.43 4.63
C ALA A 32 -8.49 -18.02 4.54
N GLY A 33 -8.39 -19.30 4.20
CA GLY A 33 -7.09 -19.95 4.05
C GLY A 33 -6.23 -19.42 2.91
N ARG A 34 -6.86 -18.88 1.85
CA ARG A 34 -6.16 -18.41 0.65
C ARG A 34 -5.55 -17.03 0.89
N ASP A 35 -6.11 -16.24 1.80
CA ASP A 35 -5.67 -14.89 2.15
C ASP A 35 -6.20 -14.55 3.56
N MET A 36 -5.47 -14.98 4.61
CA MET A 36 -5.84 -14.79 6.01
C MET A 36 -5.80 -13.33 6.40
N LEU A 37 -4.80 -12.55 5.94
CA LEU A 37 -4.73 -11.15 6.29
C LEU A 37 -5.90 -10.38 5.69
N ALA A 38 -6.35 -10.73 4.46
CA ALA A 38 -7.54 -10.08 3.85
C ALA A 38 -8.82 -10.48 4.60
N ALA A 39 -8.92 -11.75 5.04
CA ALA A 39 -10.08 -12.26 5.78
C ALA A 39 -10.13 -11.57 7.13
N ASP A 40 -8.98 -11.52 7.80
CA ASP A 40 -8.74 -10.85 9.08
C ASP A 40 -9.14 -9.37 8.95
N LEU A 41 -8.72 -8.68 7.87
CA LEU A 41 -9.08 -7.27 7.72
C LEU A 41 -10.61 -7.07 7.72
N ARG A 42 -11.32 -7.88 6.96
CA ARG A 42 -12.76 -7.82 6.79
C ARG A 42 -13.48 -8.04 8.15
N CYS A 43 -12.88 -8.90 9.05
CA CYS A 43 -13.36 -9.19 10.41
C CYS A 43 -13.07 -8.00 11.34
N SER A 44 -11.88 -7.34 11.14
CA SER A 44 -11.39 -6.20 11.92
C SER A 44 -12.20 -4.97 11.60
N LEU A 45 -12.54 -4.80 10.31
CA LEU A 45 -13.35 -3.68 9.87
C LEU A 45 -14.82 -3.80 10.34
N PHE A 46 -15.30 -5.08 10.46
CA PHE A 46 -16.66 -5.41 10.92
C PHE A 46 -16.73 -5.13 12.42
N ALA A 47 -15.68 -5.53 13.17
CA ALA A 47 -15.57 -5.34 14.59
C ALA A 47 -15.55 -3.88 14.87
N SER A 48 -14.77 -3.11 14.07
CA SER A 48 -14.66 -1.66 14.30
C SER A 48 -16.02 -0.96 14.17
N ALA A 49 -16.80 -1.29 13.13
CA ALA A 49 -18.12 -0.74 12.90
C ALA A 49 -19.09 -1.15 14.00
N LEU A 50 -19.06 -2.45 14.36
CA LEU A 50 -19.93 -3.03 15.37
C LEU A 50 -19.70 -2.40 16.72
N GLN A 51 -18.43 -2.25 17.11
CA GLN A 51 -18.09 -1.68 18.41
C GLN A 51 -18.39 -0.17 18.51
N SER A 52 -18.30 0.58 17.42
CA SER A 52 -18.61 2.02 17.38
C SER A 52 -19.97 2.37 17.89
N TYR A 53 -20.12 3.47 18.66
CA TYR A 53 -21.47 3.95 19.15
C TYR A 53 -22.36 4.27 17.96
N LYS A 54 -21.74 4.43 16.76
CA LYS A 54 -22.37 4.74 15.46
C LYS A 54 -22.79 3.46 14.72
N ARG A 55 -22.67 2.28 15.39
CA ARG A 55 -22.99 0.98 14.78
C ARG A 55 -24.33 0.95 14.01
N ASP A 56 -25.34 1.69 14.50
CA ASP A 56 -26.67 1.69 13.90
C ASP A 56 -26.60 2.10 12.43
N SER A 57 -25.72 3.06 12.11
CA SER A 57 -25.55 3.61 10.77
C SER A 57 -24.34 3.05 10.04
N VAL A 58 -23.18 2.90 10.74
CA VAL A 58 -21.93 2.42 10.16
C VAL A 58 -21.95 0.90 9.92
N LEU A 59 -22.69 0.08 10.68
CA LEU A 59 -22.70 -1.37 10.38
C LEU A 59 -23.79 -1.67 9.38
N ARG A 60 -23.43 -1.38 8.15
CA ARG A 60 -24.27 -1.58 6.95
C ARG A 60 -23.31 -1.95 5.86
N PRO A 61 -23.38 -3.18 5.30
CA PRO A 61 -24.42 -4.23 5.47
C PRO A 61 -24.42 -4.87 6.87
N PHE A 62 -25.64 -5.21 7.36
CA PHE A 62 -25.87 -5.82 8.68
C PHE A 62 -26.24 -7.33 8.49
N PRO A 63 -25.70 -8.28 9.30
CA PRO A 63 -26.09 -9.70 9.14
C PRO A 63 -27.54 -9.94 9.44
N ALA A 64 -28.33 -10.39 8.47
CA ALA A 64 -29.79 -10.56 8.66
C ALA A 64 -30.17 -11.55 9.76
N SER A 65 -29.24 -12.49 10.10
CA SER A 65 -29.46 -13.50 11.14
C SER A 65 -29.68 -12.83 12.47
N TYR A 66 -29.18 -11.57 12.62
CA TYR A 66 -29.26 -10.77 13.83
C TYR A 66 -30.35 -9.69 13.81
N ALA A 67 -31.30 -9.85 12.88
CA ALA A 67 -32.38 -8.91 12.75
C ALA A 67 -33.71 -9.61 12.71
N ARG A 68 -34.72 -9.04 13.34
CA ARG A 68 -36.05 -9.53 13.21
C ARG A 68 -36.64 -8.77 11.96
N GLY A 69 -37.43 -7.74 12.17
CA GLY A 69 -37.83 -7.04 10.95
C GLY A 69 -36.81 -5.95 10.74
N ASP A 70 -37.27 -4.70 11.05
CA ASP A 70 -36.46 -3.52 11.08
C ASP A 70 -35.54 -3.58 12.29
N CYS A 71 -35.86 -4.45 13.28
CA CYS A 71 -35.14 -4.56 14.55
C CYS A 71 -33.81 -5.29 14.50
N LYS A 72 -32.74 -4.52 14.49
CA LYS A 72 -31.39 -5.03 14.59
C LYS A 72 -31.05 -5.30 16.07
N ASP A 73 -30.61 -6.53 16.40
CA ASP A 73 -30.23 -6.98 17.73
C ASP A 73 -28.72 -6.87 17.89
N PHE A 74 -28.27 -5.63 18.19
CA PHE A 74 -26.86 -5.32 18.36
C PHE A 74 -26.27 -5.97 19.60
N GLU A 75 -27.11 -6.22 20.64
CA GLU A 75 -26.62 -6.87 21.84
C GLU A 75 -26.33 -8.37 21.54
N ALA A 76 -27.19 -9.05 20.78
CA ALA A 76 -26.88 -10.45 20.39
C ALA A 76 -25.61 -10.52 19.54
N LEU A 77 -25.47 -9.54 18.62
CA LEU A 77 -24.38 -9.49 17.67
C LEU A 77 -23.07 -9.15 18.37
N LEU A 78 -23.08 -8.17 19.32
CA LEU A 78 -21.87 -7.76 20.03
C LEU A 78 -21.34 -8.93 20.85
N ALA A 79 -22.23 -9.67 21.47
CA ALA A 79 -21.96 -10.81 22.30
C ALA A 79 -21.35 -11.92 21.45
N ASP A 80 -22.00 -12.33 20.34
CA ASP A 80 -21.47 -13.36 19.45
C ASP A 80 -20.12 -12.95 18.83
N ALA A 81 -19.96 -11.68 18.45
CA ALA A 81 -18.70 -11.16 17.92
C ALA A 81 -17.54 -11.29 18.91
N SER A 82 -17.82 -11.08 20.17
CA SER A 82 -16.81 -11.12 21.23
C SER A 82 -16.46 -12.55 21.60
N LYS A 83 -17.17 -13.54 21.03
CA LYS A 83 -16.90 -14.99 21.20
C LYS A 83 -16.10 -15.57 20.01
N LEU A 84 -15.85 -14.77 18.95
CA LEU A 84 -15.10 -15.25 17.81
C LEU A 84 -13.65 -15.48 18.20
N PRO A 85 -13.08 -16.66 17.92
CA PRO A 85 -11.63 -16.83 18.15
C PRO A 85 -10.89 -16.18 17.00
N ASN A 86 -9.56 -16.16 17.04
CA ASN A 86 -8.77 -15.65 15.93
C ASN A 86 -8.94 -16.64 14.77
N LEU A 87 -8.72 -16.18 13.53
CA LEU A 87 -8.91 -16.99 12.34
C LEU A 87 -8.04 -18.21 12.27
N LYS A 88 -6.81 -18.22 12.85
CA LYS A 88 -5.98 -19.47 12.86
C LYS A 88 -6.70 -20.53 13.69
N GLU A 89 -7.25 -20.16 14.87
CA GLU A 89 -7.95 -21.08 15.77
C GLU A 89 -9.24 -21.56 15.16
N LEU A 90 -10.00 -20.64 14.55
CA LEU A 90 -11.28 -21.00 13.91
C LEU A 90 -11.06 -22.11 12.85
N LEU A 91 -10.03 -21.95 11.99
CA LEU A 91 -9.71 -22.82 10.88
C LEU A 91 -9.14 -24.14 11.36
N GLN A 92 -8.23 -24.13 12.35
CA GLN A 92 -7.64 -25.38 12.86
C GLN A 92 -8.63 -26.15 13.71
N SER A 93 -9.61 -25.48 14.30
CA SER A 93 -10.64 -26.20 15.03
C SER A 93 -11.71 -26.67 14.01
N SER A 94 -12.02 -27.98 14.00
CA SER A 94 -13.05 -28.60 13.14
C SER A 94 -14.42 -28.32 13.81
N GLY A 95 -14.89 -27.09 13.61
CA GLY A 95 -16.04 -26.53 14.28
C GLY A 95 -17.45 -26.72 13.77
N ASP A 96 -18.21 -27.43 14.60
CA ASP A 96 -19.64 -27.69 14.59
C ASP A 96 -20.11 -27.22 15.98
N ASN A 97 -19.09 -26.77 16.78
CA ASN A 97 -19.19 -26.18 18.13
C ASN A 97 -18.92 -24.67 18.03
N HIS A 98 -18.12 -24.24 16.99
CA HIS A 98 -17.90 -22.83 16.61
C HIS A 98 -18.95 -22.45 15.51
N LYS A 99 -20.12 -23.10 15.55
CA LYS A 99 -21.27 -22.95 14.67
C LYS A 99 -21.69 -21.47 14.50
N ARG A 100 -21.95 -20.71 15.61
CA ARG A 100 -22.36 -19.30 15.52
C ARG A 100 -21.28 -18.44 14.90
N ALA A 101 -19.99 -18.80 15.17
CA ALA A 101 -18.81 -18.06 14.70
C ALA A 101 -18.61 -18.27 13.20
N TRP A 102 -18.81 -19.50 12.74
CA TRP A 102 -18.65 -19.86 11.34
C TRP A 102 -19.68 -19.19 10.52
N ASP A 103 -20.90 -19.14 11.03
CA ASP A 103 -22.00 -18.49 10.38
C ASP A 103 -21.64 -17.01 10.15
N LEU A 104 -21.13 -16.35 11.20
CA LEU A 104 -20.79 -14.93 11.19
C LEU A 104 -19.60 -14.64 10.29
N VAL A 105 -18.50 -15.43 10.39
CA VAL A 105 -17.33 -15.22 9.55
C VAL A 105 -17.70 -15.48 8.12
N SER A 106 -18.51 -16.54 7.83
CA SER A 106 -18.96 -16.83 6.46
C SER A 106 -19.68 -15.65 5.90
N TRP A 107 -20.55 -14.97 6.72
CA TRP A 107 -21.28 -13.81 6.24
C TRP A 107 -20.30 -12.67 5.94
N ILE A 108 -19.41 -12.37 6.91
CA ILE A 108 -18.41 -11.31 6.79
C ILE A 108 -17.63 -11.42 5.48
N LEU A 109 -17.19 -12.66 5.09
CA LEU A 109 -16.32 -12.94 3.94
C LEU A 109 -17.02 -13.16 2.61
N SER A 110 -18.36 -13.19 2.66
CA SER A 110 -19.26 -13.31 1.54
C SER A 110 -19.45 -11.93 0.97
N SER A 111 -19.57 -11.92 -0.31
CA SER A 111 -19.91 -10.85 -1.22
C SER A 111 -19.91 -11.43 -2.60
N LYS A 112 -20.90 -11.00 -3.38
CA LYS A 112 -21.06 -11.41 -4.78
C LYS A 112 -20.53 -10.28 -5.66
N VAL A 113 -20.19 -9.15 -5.01
CA VAL A 113 -19.77 -7.93 -5.69
C VAL A 113 -18.25 -7.76 -5.65
N LEU A 114 -17.59 -8.07 -4.56
CA LEU A 114 -16.18 -7.85 -4.49
C LEU A 114 -15.47 -8.81 -3.59
N THR A 115 -14.16 -8.69 -3.55
CA THR A 115 -13.38 -9.46 -2.63
C THR A 115 -12.11 -8.67 -2.40
N ILE A 116 -11.32 -9.05 -1.42
CA ILE A 116 -10.18 -8.24 -1.06
C ILE A 116 -8.95 -9.07 -1.06
N HIS A 117 -7.87 -8.51 -1.55
CA HIS A 117 -6.64 -9.27 -1.71
C HIS A 117 -5.49 -8.60 -1.04
N SER A 118 -4.74 -9.36 -0.22
CA SER A 118 -3.49 -8.86 0.36
C SER A 118 -2.53 -8.53 -0.79
N ALA A 119 -1.82 -7.41 -0.68
CA ALA A 119 -0.81 -6.99 -1.65
C ALA A 119 0.48 -6.73 -0.93
N GLY A 120 1.58 -6.86 -1.63
CA GLY A 120 2.90 -6.58 -1.08
C GLY A 120 3.32 -5.14 -1.31
N LYS A 121 4.37 -4.69 -0.60
CA LYS A 121 4.86 -3.31 -0.74
C LYS A 121 5.76 -3.18 -2.01
N ALA A 122 5.32 -3.86 -3.07
CA ALA A 122 5.76 -3.88 -4.48
C ALA A 122 4.67 -3.15 -5.27
N GLU A 123 3.50 -2.96 -4.57
CA GLU A 123 2.31 -2.25 -5.01
C GLU A 123 2.20 -0.91 -4.31
N PHE A 124 2.87 -0.75 -3.14
CA PHE A 124 2.90 0.58 -2.51
C PHE A 124 3.72 1.52 -3.41
N GLU A 125 4.72 0.95 -4.12
CA GLU A 125 5.58 1.65 -5.08
C GLU A 125 4.72 2.08 -6.25
N LYS A 126 3.93 1.11 -6.77
CA LYS A 126 2.98 1.30 -7.87
C LYS A 126 1.99 2.41 -7.53
N ILE A 127 1.41 2.38 -6.30
CA ILE A 127 0.43 3.34 -5.80
C ILE A 127 1.04 4.74 -5.79
N GLN A 128 2.26 4.84 -5.26
CA GLN A 128 3.00 6.09 -5.17
C GLN A 128 3.23 6.67 -6.54
N LYS A 129 3.53 5.81 -7.53
CA LYS A 129 3.75 6.22 -8.93
C LYS A 129 2.44 6.77 -9.54
N LEU A 130 1.30 6.14 -9.22
CA LEU A 130 -0.05 6.49 -9.69
C LEU A 130 -0.62 7.81 -9.10
N THR A 131 -0.42 8.02 -7.77
CA THR A 131 -0.93 9.18 -7.02
C THR A 131 -0.01 10.37 -7.14
N GLY A 132 1.27 10.09 -7.39
CA GLY A 132 2.31 11.11 -7.50
C GLY A 132 3.21 11.10 -6.30
N ALA A 133 4.53 11.26 -6.53
CA ALA A 133 5.61 11.34 -5.53
C ALA A 133 5.25 12.30 -4.39
N PRO A 134 5.48 11.86 -3.10
CA PRO A 134 5.08 12.69 -1.95
C PRO A 134 5.87 13.98 -1.81
N HIS A 135 5.16 15.02 -1.38
CA HIS A 135 5.71 16.34 -1.19
C HIS A 135 6.04 16.60 0.30
N THR A 136 5.53 15.73 1.17
CA THR A 136 5.61 15.81 2.62
C THR A 136 6.00 14.43 3.20
N PRO A 137 6.74 14.34 4.27
CA PRO A 137 7.09 13.01 4.75
C PRO A 137 5.85 12.20 5.01
N VAL A 138 5.86 10.91 4.71
CA VAL A 138 4.72 10.07 4.98
C VAL A 138 5.16 8.71 5.42
N PRO A 139 4.29 8.05 6.30
CA PRO A 139 4.74 6.72 6.69
C PRO A 139 4.32 5.64 5.72
N ALA A 140 4.96 4.50 5.79
CA ALA A 140 4.66 3.37 4.91
C ALA A 140 3.65 2.51 5.57
N PRO A 141 2.62 2.07 4.83
CA PRO A 141 1.61 1.20 5.43
C PRO A 141 2.23 -0.10 5.92
N ASP A 142 1.65 -0.70 6.96
CA ASP A 142 2.10 -1.97 7.48
C ASP A 142 1.53 -3.07 6.61
N PHE A 143 0.38 -2.81 6.05
CA PHE A 143 -0.31 -3.77 5.21
C PHE A 143 -0.98 -3.05 4.06
N LEU A 144 -1.06 -3.70 2.91
CA LEU A 144 -1.71 -3.11 1.77
C LEU A 144 -2.65 -4.11 1.19
N PHE A 145 -3.77 -3.62 0.66
CA PHE A 145 -4.86 -4.45 0.20
C PHE A 145 -5.49 -3.89 -1.05
N GLU A 146 -5.84 -4.78 -1.95
CA GLU A 146 -6.50 -4.42 -3.21
C GLU A 146 -7.93 -4.94 -3.23
N ILE A 147 -8.88 -4.15 -3.77
CA ILE A 147 -10.30 -4.56 -3.91
C ILE A 147 -10.57 -4.99 -5.35
N GLU A 148 -10.92 -6.27 -5.55
CA GLU A 148 -11.31 -6.82 -6.86
C GLU A 148 -12.81 -6.79 -6.93
N TYR A 149 -13.35 -6.17 -8.00
CA TYR A 149 -14.77 -6.07 -8.27
C TYR A 149 -15.13 -7.04 -9.36
N PHE A 150 -16.19 -7.80 -9.13
CA PHE A 150 -16.72 -8.76 -10.09
C PHE A 150 -17.78 -8.07 -10.94
N ASP A 151 -18.18 -8.67 -12.08
CA ASP A 151 -19.26 -8.13 -12.92
C ASP A 151 -20.66 -8.34 -12.24
N PRO A 152 -21.71 -7.51 -12.51
CA PRO A 152 -21.80 -6.40 -13.48
C PRO A 152 -21.09 -5.09 -13.07
N ALA A 153 -20.92 -4.87 -11.76
CA ALA A 153 -20.27 -3.72 -11.12
C ALA A 153 -18.98 -3.31 -11.86
N ASN A 154 -18.05 -4.28 -12.10
CA ASN A 154 -16.79 -4.05 -12.75
C ASN A 154 -16.97 -3.52 -14.15
N ALA A 155 -17.77 -4.20 -15.00
CA ALA A 155 -18.06 -3.83 -16.37
C ALA A 155 -18.69 -2.45 -16.45
N LYS A 156 -19.67 -2.18 -15.56
CA LYS A 156 -20.42 -0.94 -15.41
C LYS A 156 -19.45 0.23 -15.27
N PHE A 157 -18.46 0.12 -14.33
CA PHE A 157 -17.44 1.15 -14.09
C PHE A 157 -16.62 1.51 -15.36
N TYR A 158 -16.09 0.50 -16.09
CA TYR A 158 -15.28 0.73 -17.28
C TYR A 158 -16.10 1.25 -18.46
N GLU A 159 -17.40 0.87 -18.51
CA GLU A 159 -18.37 1.31 -19.53
C GLU A 159 -18.63 2.82 -19.35
N THR A 160 -18.75 3.24 -18.07
CA THR A 160 -18.92 4.62 -17.62
C THR A 160 -17.62 5.41 -17.95
N LYS A 161 -16.44 4.77 -17.71
CA LYS A 161 -15.10 5.31 -17.95
C LYS A 161 -14.91 5.64 -19.43
N GLY A 162 -14.99 4.62 -20.28
CA GLY A 162 -14.78 4.75 -21.73
C GLY A 162 -13.36 5.14 -22.05
N GLU A 163 -13.21 6.12 -22.97
CA GLU A 163 -11.92 6.66 -23.46
C GLU A 163 -11.21 7.53 -22.38
N ARG A 164 -11.94 7.96 -21.32
CA ARG A 164 -11.42 8.81 -20.24
C ARG A 164 -10.40 8.05 -19.40
N ASP A 165 -9.28 8.70 -19.05
CA ASP A 165 -8.19 8.09 -18.24
C ASP A 165 -8.57 8.07 -16.76
N LEU A 166 -7.93 7.20 -15.96
CA LEU A 166 -8.22 7.09 -14.51
C LEU A 166 -7.21 7.84 -13.67
N ILE A 167 -7.74 8.50 -12.62
CA ILE A 167 -7.02 9.29 -11.63
C ILE A 167 -6.94 8.47 -10.36
N TYR A 168 -5.85 8.59 -9.59
CA TYR A 168 -5.67 7.88 -8.34
C TYR A 168 -5.42 8.90 -7.25
N ALA A 169 -6.30 8.90 -6.27
CA ALA A 169 -6.23 9.83 -5.17
C ALA A 169 -6.61 9.13 -3.88
N PHE A 170 -6.15 9.69 -2.76
CA PHE A 170 -6.38 9.19 -1.43
C PHE A 170 -7.64 9.74 -0.82
N HIS A 171 -8.22 8.96 0.11
CA HIS A 171 -9.36 9.34 0.92
C HIS A 171 -9.21 8.73 2.32
N GLY A 172 -9.05 9.61 3.29
CA GLY A 172 -8.93 9.23 4.69
C GLY A 172 -10.28 9.17 5.33
N SER A 173 -10.40 8.32 6.38
CA SER A 173 -11.63 8.17 7.13
C SER A 173 -11.36 7.41 8.44
N ARG A 174 -12.28 7.52 9.39
CA ARG A 174 -12.28 6.81 10.66
C ARG A 174 -12.53 5.34 10.34
N LEU A 175 -11.88 4.44 11.08
CA LEU A 175 -11.91 2.99 10.81
C LEU A 175 -13.31 2.42 10.79
N GLU A 176 -14.20 2.84 11.71
CA GLU A 176 -15.58 2.35 11.77
C GLU A 176 -16.37 2.64 10.50
N ASN A 177 -15.86 3.48 9.59
CA ASN A 177 -16.57 3.77 8.34
C ASN A 177 -16.20 2.85 7.19
N PHE A 178 -15.04 2.14 7.25
CA PHE A 178 -14.55 1.35 6.15
C PHE A 178 -15.38 0.07 5.79
N HIS A 179 -16.09 -0.59 6.72
CA HIS A 179 -16.94 -1.74 6.38
C HIS A 179 -18.02 -1.30 5.36
N SER A 180 -18.66 -0.15 5.68
CA SER A 180 -19.71 0.51 4.90
C SER A 180 -19.13 1.13 3.66
N ILE A 181 -17.95 1.75 3.74
CA ILE A 181 -17.28 2.36 2.56
C ILE A 181 -17.04 1.23 1.53
N ILE A 182 -16.39 0.15 1.93
CA ILE A 182 -16.11 -0.96 1.04
C ILE A 182 -17.38 -1.57 0.42
N HIS A 183 -18.36 -1.95 1.21
CA HIS A 183 -19.53 -2.63 0.68
C HIS A 183 -20.54 -1.74 0.03
N ASN A 184 -20.68 -0.50 0.46
CA ASN A 184 -21.69 0.37 -0.09
C ASN A 184 -21.11 1.48 -1.01
N GLY A 185 -19.79 1.60 -0.99
CA GLY A 185 -19.09 2.61 -1.73
C GLY A 185 -19.10 3.91 -1.00
N LEU A 186 -18.39 4.89 -1.53
CA LEU A 186 -18.36 6.19 -0.94
C LEU A 186 -19.59 6.96 -1.34
N HIS A 187 -20.33 7.44 -0.38
CA HIS A 187 -21.51 8.22 -0.66
C HIS A 187 -21.14 9.66 -0.72
N CYS A 188 -22.11 10.51 -0.99
CA CYS A 188 -21.84 11.92 -1.21
C CYS A 188 -22.78 12.84 -0.46
N HIS A 189 -22.37 13.31 0.71
CA HIS A 189 -23.08 14.35 1.42
C HIS A 189 -22.59 14.61 2.82
N LEU A 190 -23.31 14.08 3.80
CA LEU A 190 -23.08 14.36 5.22
C LEU A 190 -23.07 15.84 5.54
N SER A 194 -26.77 19.33 2.05
CA SER A 194 -27.05 20.72 2.42
C SER A 194 -26.36 21.11 3.73
N LEU A 195 -25.43 22.04 3.63
CA LEU A 195 -24.67 22.50 4.79
C LEU A 195 -23.45 23.32 4.43
N PHE A 196 -22.43 22.66 3.89
CA PHE A 196 -21.13 23.24 3.61
C PHE A 196 -20.59 22.73 2.29
N GLY A 197 -20.27 21.45 2.30
CA GLY A 197 -19.57 20.78 1.21
C GLY A 197 -20.13 19.39 0.97
N GLU A 198 -20.84 19.23 -0.17
CA GLU A 198 -21.49 18.00 -0.63
C GLU A 198 -20.59 17.30 -1.67
N GLY A 199 -20.42 15.98 -1.55
CA GLY A 199 -19.53 15.17 -2.39
C GLY A 199 -18.40 14.55 -1.58
N THR A 200 -17.56 13.72 -2.23
CA THR A 200 -16.43 13.03 -1.58
C THR A 200 -15.13 13.85 -1.80
N TYR A 201 -14.40 14.11 -0.71
CA TYR A 201 -13.16 14.87 -0.79
C TYR A 201 -11.98 13.92 -0.95
N LEU A 202 -11.13 14.22 -1.93
CA LEU A 202 -9.95 13.39 -2.22
C LEU A 202 -8.71 14.27 -2.37
N THR A 203 -7.54 13.66 -2.15
CA THR A 203 -6.28 14.38 -2.23
C THR A 203 -5.16 13.46 -2.78
N SER A 204 -4.19 14.05 -3.49
CA SER A 204 -3.06 13.33 -4.04
C SER A 204 -1.93 13.23 -3.00
N ASP A 205 -2.09 13.93 -1.83
CA ASP A 205 -1.13 13.94 -0.71
C ASP A 205 -1.65 13.06 0.41
N LEU A 206 -1.01 11.90 0.59
CA LEU A 206 -1.34 10.94 1.64
C LEU A 206 -1.21 11.62 3.01
N SER A 207 -0.32 12.65 3.12
CA SER A 207 -0.15 13.31 4.40
C SER A 207 -1.41 14.10 4.82
N LEU A 208 -2.24 14.55 3.84
CA LEU A 208 -3.52 15.24 4.10
C LEU A 208 -4.61 14.22 4.41
N ALA A 209 -4.67 13.12 3.63
CA ALA A 209 -5.63 12.05 3.86
C ALA A 209 -5.46 11.44 5.26
N LEU A 210 -4.20 11.29 5.73
CA LEU A 210 -3.92 10.70 7.02
C LEU A 210 -4.51 11.51 8.18
N ILE A 211 -4.62 12.85 8.06
CA ILE A 211 -5.15 13.66 9.16
C ILE A 211 -6.64 13.30 9.37
N TYR A 212 -7.29 12.70 8.32
CA TYR A 212 -8.70 12.25 8.32
C TYR A 212 -8.84 10.76 8.69
N SER A 213 -7.69 10.08 8.97
CA SER A 213 -7.59 8.67 9.31
C SER A 213 -6.92 8.46 10.65
N PRO A 214 -7.56 8.85 11.76
CA PRO A 214 -6.96 8.54 13.07
C PRO A 214 -7.05 7.03 13.38
N HIS A 215 -6.24 6.53 14.33
CA HIS A 215 -6.25 5.13 14.76
C HIS A 215 -7.59 4.83 15.43
N GLY A 216 -8.13 3.66 15.15
CA GLY A 216 -9.37 3.22 15.72
C GLY A 216 -9.26 1.81 16.23
N HIS A 217 -10.28 1.35 16.96
CA HIS A 217 -10.23 0.04 17.53
C HIS A 217 -10.74 -0.96 16.55
N GLY A 218 -9.89 -1.91 16.19
CA GLY A 218 -10.20 -3.00 15.28
C GLY A 218 -10.70 -4.18 16.06
N TRP A 219 -10.08 -5.34 15.91
CA TRP A 219 -10.53 -6.57 16.57
C TRP A 219 -9.41 -7.11 17.48
N GLN A 220 -9.72 -7.42 18.71
CA GLN A 220 -8.68 -7.89 19.64
C GLN A 220 -7.92 -9.18 19.20
N HIS A 221 -8.54 -10.04 18.36
CA HIS A 221 -7.92 -11.25 17.87
C HIS A 221 -7.34 -11.12 16.48
N SER A 222 -7.15 -9.87 16.00
CA SER A 222 -6.60 -9.59 14.68
C SER A 222 -5.12 -9.83 14.61
N LEU A 223 -4.67 -10.41 13.48
CA LEU A 223 -3.25 -10.64 13.11
C LEU A 223 -2.61 -9.33 12.73
N LEU A 224 -3.44 -8.31 12.39
CA LEU A 224 -3.08 -6.95 12.01
C LEU A 224 -2.84 -6.11 13.25
N GLY A 225 -3.35 -6.57 14.38
CA GLY A 225 -3.26 -5.83 15.64
C GLY A 225 -4.61 -5.22 15.99
N PRO A 226 -4.77 -4.82 17.24
CA PRO A 226 -6.09 -4.27 17.68
C PRO A 226 -6.38 -2.80 17.32
N ILE A 227 -5.38 -1.95 17.13
CA ILE A 227 -5.58 -0.54 16.82
C ILE A 227 -4.99 -0.26 15.44
N LEU A 228 -5.87 0.17 14.52
CA LEU A 228 -5.56 0.39 13.11
C LEU A 228 -6.04 1.71 12.58
N SER A 229 -5.33 2.19 11.54
CA SER A 229 -5.63 3.36 10.73
C SER A 229 -5.72 2.89 9.26
N CYS A 230 -6.78 3.27 8.55
CA CYS A 230 -7.03 2.85 7.19
C CYS A 230 -7.23 4.07 6.29
N VAL A 231 -6.55 4.07 5.13
CA VAL A 231 -6.62 5.12 4.10
C VAL A 231 -6.99 4.44 2.80
N ALA A 232 -7.94 5.01 2.06
CA ALA A 232 -8.37 4.43 0.79
C ALA A 232 -7.64 5.08 -0.38
N VAL A 233 -7.42 4.30 -1.46
CA VAL A 233 -6.87 4.78 -2.73
C VAL A 233 -8.01 4.58 -3.71
N CYS A 234 -8.40 5.64 -4.38
CA CYS A 234 -9.57 5.61 -5.25
C CYS A 234 -9.20 5.70 -6.70
N GLU A 235 -9.95 4.97 -7.54
CA GLU A 235 -9.90 4.98 -9.00
C GLU A 235 -10.95 6.01 -9.37
N VAL A 236 -10.56 7.14 -9.96
CA VAL A 236 -11.51 8.21 -10.30
C VAL A 236 -11.54 8.40 -11.83
N ILE A 237 -12.75 8.29 -12.42
CA ILE A 237 -12.93 8.53 -13.85
C ILE A 237 -12.77 10.04 -14.05
N ASP A 238 -11.76 10.47 -14.83
CA ASP A 238 -11.45 11.87 -15.09
C ASP A 238 -12.56 12.55 -15.91
N HIS A 239 -13.24 13.51 -15.27
CA HIS A 239 -14.28 14.42 -15.79
C HIS A 239 -14.06 15.79 -15.08
N PRO A 240 -14.38 16.98 -15.66
CA PRO A 240 -14.10 18.27 -14.92
C PRO A 240 -14.64 18.28 -13.47
N ASP A 241 -13.75 17.89 -12.52
CA ASP A 241 -13.94 17.71 -11.08
C ASP A 241 -12.63 18.03 -10.36
N PRO A 270 -2.78 23.09 4.10
CA PRO A 270 -2.33 23.80 2.90
C PRO A 270 -2.26 22.88 1.63
N PRO A 271 -2.18 21.52 1.80
CA PRO A 271 -2.10 20.58 0.65
C PRO A 271 -3.36 20.72 -0.26
N LYS A 272 -3.23 20.51 -1.58
CA LYS A 272 -4.38 20.61 -2.50
C LYS A 272 -5.28 19.37 -2.38
N TYR A 273 -6.59 19.58 -2.56
CA TYR A 273 -7.61 18.52 -2.54
C TYR A 273 -8.62 18.78 -3.68
N PHE A 274 -9.60 17.88 -3.90
CA PHE A 274 -10.64 18.04 -4.90
C PHE A 274 -11.87 17.22 -4.52
N VAL A 275 -13.06 17.62 -5.00
CA VAL A 275 -14.34 17.01 -4.64
C VAL A 275 -15.03 16.31 -5.85
N VAL A 276 -15.52 15.08 -5.61
CA VAL A 276 -16.25 14.23 -6.56
C VAL A 276 -17.72 14.18 -6.09
N THR A 277 -18.63 14.77 -6.90
CA THR A 277 -20.07 14.89 -6.62
C THR A 277 -20.90 13.69 -7.10
N ASN A 278 -20.66 13.16 -8.32
CA ASN A 278 -21.39 11.98 -8.80
C ASN A 278 -20.59 10.72 -8.42
N ASN A 279 -21.15 9.89 -7.52
CA ASN A 279 -20.48 8.70 -6.96
C ASN A 279 -20.40 7.51 -7.93
N GLN A 280 -20.81 7.70 -9.19
CA GLN A 280 -20.66 6.65 -10.21
C GLN A 280 -19.26 6.76 -10.86
N LEU A 281 -18.53 7.85 -10.54
CA LEU A 281 -17.22 8.23 -11.09
C LEU A 281 -16.05 7.78 -10.23
N LEU A 282 -16.30 7.07 -9.13
CA LEU A 282 -15.19 6.64 -8.28
C LEU A 282 -15.47 5.30 -7.56
N ARG A 283 -14.40 4.66 -7.08
CA ARG A 283 -14.47 3.40 -6.34
C ARG A 283 -13.16 3.19 -5.58
N VAL A 284 -13.28 2.63 -4.37
CA VAL A 284 -12.11 2.31 -3.59
C VAL A 284 -11.39 1.14 -4.30
N LYS A 285 -10.10 1.32 -4.61
CA LYS A 285 -9.35 0.24 -5.26
C LYS A 285 -8.30 -0.36 -4.30
N TYR A 286 -7.70 0.46 -3.42
CA TYR A 286 -6.71 -0.05 -2.47
C TYR A 286 -7.01 0.41 -1.05
N LEU A 287 -6.42 -0.29 -0.07
CA LEU A 287 -6.55 0.07 1.32
C LEU A 287 -5.18 0.06 1.98
N LEU A 288 -4.74 1.21 2.53
CA LEU A 288 -3.45 1.31 3.24
C LEU A 288 -3.78 1.22 4.70
N VAL A 289 -3.28 0.16 5.36
CA VAL A 289 -3.57 -0.13 6.77
C VAL A 289 -2.30 0.09 7.58
N TYR A 290 -2.44 0.82 8.70
CA TYR A 290 -1.36 1.14 9.62
C TYR A 290 -1.70 0.62 10.98
N SER A 291 -0.79 -0.17 11.63
CA SER A 291 -0.96 -0.67 13.01
C SER A 291 -0.20 0.17 14.00
N GLN A 292 -0.86 0.58 15.08
CA GLN A 292 -0.22 1.28 16.18
C GLN A 292 0.57 0.24 16.99
N LYS A 293 1.79 0.56 17.41
CA LYS A 293 2.67 -0.31 18.20
C LYS A 293 2.79 0.17 19.64
N SER B 22 31.44 36.09 15.15
CA SER B 22 32.68 36.01 14.36
C SER B 22 33.62 34.98 14.99
N MET B 23 34.05 33.92 14.26
CA MET B 23 34.87 32.90 14.93
C MET B 23 35.94 32.29 13.99
N GLY B 24 37.08 31.90 14.57
CA GLY B 24 38.19 31.22 13.90
C GLY B 24 37.93 29.80 13.41
N TRP B 25 38.84 29.30 12.57
CA TRP B 25 38.79 28.02 11.90
C TRP B 25 38.96 26.88 12.88
N ALA B 26 39.83 27.05 13.94
CA ALA B 26 40.04 26.00 14.96
C ALA B 26 38.77 25.77 15.73
N ALA B 27 38.06 26.89 16.06
CA ALA B 27 36.78 26.82 16.76
C ALA B 27 35.75 26.12 15.90
N ALA B 28 35.78 26.37 14.60
CA ALA B 28 34.90 25.76 13.60
C ALA B 28 35.17 24.25 13.45
N ARG B 29 36.45 23.86 13.45
CA ARG B 29 36.91 22.48 13.31
C ARG B 29 36.47 21.65 14.54
N GLU B 30 36.48 22.26 15.75
CA GLU B 30 36.06 21.64 17.00
C GLU B 30 34.59 21.47 17.01
N ALA B 31 33.86 22.52 16.63
CA ALA B 31 32.40 22.49 16.63
C ALA B 31 31.90 21.44 15.70
N ALA B 32 32.42 21.38 14.50
CA ALA B 32 31.96 20.43 13.51
C ALA B 32 32.38 19.05 13.81
N GLY B 33 33.44 18.91 14.54
CA GLY B 33 34.00 17.61 14.79
C GLY B 33 33.30 16.92 15.90
N ARG B 34 32.68 17.68 16.77
CA ARG B 34 32.00 17.12 17.90
C ARG B 34 30.59 16.75 17.60
N ASP B 35 30.06 17.32 16.54
CA ASP B 35 28.75 16.98 16.06
C ASP B 35 28.73 17.32 14.61
N MET B 36 29.07 16.36 13.77
CA MET B 36 29.06 16.60 12.33
C MET B 36 27.65 16.71 11.73
N LEU B 37 26.72 15.84 12.17
CA LEU B 37 25.36 15.93 11.67
C LEU B 37 24.69 17.25 12.08
N ALA B 38 24.94 17.78 13.32
CA ALA B 38 24.38 19.07 13.71
C ALA B 38 25.03 20.21 12.91
N ALA B 39 26.38 20.12 12.62
CA ALA B 39 27.09 21.15 11.88
C ALA B 39 26.56 21.15 10.47
N ASP B 40 26.44 19.94 9.88
CA ASP B 40 25.88 19.68 8.55
C ASP B 40 24.44 20.28 8.48
N LEU B 41 23.58 20.07 9.52
CA LEU B 41 22.24 20.62 9.48
C LEU B 41 22.26 22.15 9.34
N ARG B 42 23.09 22.81 10.12
CA ARG B 42 23.25 24.25 10.18
C ARG B 42 23.68 24.79 8.80
N CYS B 43 24.53 24.01 8.07
CA CYS B 43 25.02 24.31 6.70
C CYS B 43 23.87 24.13 5.68
N SER B 44 23.02 23.07 5.90
CA SER B 44 21.92 22.67 5.04
C SER B 44 20.77 23.66 5.14
N LEU B 45 20.52 24.12 6.35
CA LEU B 45 19.52 25.13 6.63
C LEU B 45 19.92 26.51 6.06
N PHE B 46 21.22 26.81 6.07
CA PHE B 46 21.80 28.04 5.51
C PHE B 46 21.68 28.02 3.97
N ALA B 47 22.02 26.86 3.35
CA ALA B 47 21.98 26.65 1.94
C ALA B 47 20.54 26.83 1.49
N SER B 48 19.57 26.23 2.24
CA SER B 48 18.16 26.29 1.90
C SER B 48 17.68 27.74 1.85
N ALA B 49 18.00 28.56 2.87
CA ALA B 49 17.63 29.98 2.93
C ALA B 49 18.33 30.79 1.80
N LEU B 50 19.63 30.53 1.57
CA LEU B 50 20.41 31.22 0.56
C LEU B 50 19.88 30.94 -0.84
N GLN B 51 19.57 29.68 -1.13
CA GLN B 51 19.11 29.30 -2.44
C GLN B 51 17.69 29.78 -2.70
N SER B 52 16.86 29.93 -1.66
CA SER B 52 15.47 30.37 -1.80
C SER B 52 15.35 31.71 -2.51
N TYR B 53 14.34 31.86 -3.39
CA TYR B 53 14.05 33.15 -4.07
C TYR B 53 13.71 34.24 -3.02
N LYS B 54 13.37 33.81 -1.79
CA LYS B 54 13.05 34.62 -0.61
C LYS B 54 14.33 34.95 0.23
N ARG B 55 15.53 34.61 -0.28
CA ARG B 55 16.81 34.78 0.42
C ARG B 55 16.98 36.16 1.07
N ASP B 56 16.45 37.21 0.43
CA ASP B 56 16.60 38.54 0.96
C ASP B 56 16.03 38.65 2.37
N SER B 57 14.91 37.98 2.65
CA SER B 57 14.22 38.00 3.94
C SER B 57 14.56 36.80 4.83
N VAL B 58 14.63 35.58 4.23
CA VAL B 58 14.86 34.36 4.98
C VAL B 58 16.32 34.21 5.41
N LEU B 59 17.31 34.75 4.64
CA LEU B 59 18.72 34.59 5.07
C LEU B 59 19.09 35.74 6.03
N ARG B 60 18.64 35.55 7.26
CA ARG B 60 18.81 36.47 8.39
C ARG B 60 18.95 35.59 9.59
N PRO B 61 20.11 35.56 10.27
CA PRO B 61 21.32 36.40 10.09
C PRO B 61 22.07 36.18 8.74
N PHE B 62 22.61 37.29 8.14
CA PHE B 62 23.36 37.30 6.87
C PHE B 62 24.87 37.49 7.15
N PRO B 63 25.81 36.77 6.48
CA PRO B 63 27.26 36.98 6.76
C PRO B 63 27.70 38.37 6.34
N ALA B 64 28.14 39.23 7.30
CA ALA B 64 28.47 40.64 6.96
C ALA B 64 29.58 40.81 5.93
N SER B 65 30.50 39.80 5.82
CA SER B 65 31.61 39.74 4.86
C SER B 65 31.09 39.87 3.42
N TYR B 66 29.82 39.45 3.20
CA TYR B 66 29.16 39.48 1.89
C TYR B 66 28.21 40.66 1.70
N ALA B 67 28.38 41.71 2.51
CA ALA B 67 27.56 42.92 2.39
C ALA B 67 28.41 44.16 2.36
N ARG B 68 28.05 45.10 1.47
CA ARG B 68 28.69 46.43 1.46
C ARG B 68 27.89 47.29 2.47
N GLY B 69 26.98 48.12 2.02
CA GLY B 69 26.14 48.83 2.98
C GLY B 69 24.93 47.94 3.21
N ASP B 70 23.78 48.43 2.71
CA ASP B 70 22.50 47.71 2.67
C ASP B 70 22.60 46.63 1.60
N CYS B 71 23.59 46.72 0.71
CA CYS B 71 23.79 45.83 -0.45
C CYS B 71 24.39 44.45 -0.09
N LYS B 72 23.50 43.47 -0.07
CA LYS B 72 23.87 42.08 0.14
C LYS B 72 24.29 41.49 -1.23
N ASP B 73 25.50 40.92 -1.32
CA ASP B 73 26.08 40.32 -2.53
C ASP B 73 25.76 38.84 -2.54
N PHE B 74 24.51 38.53 -2.93
CA PHE B 74 24.03 37.14 -2.95
C PHE B 74 24.70 36.34 -4.06
N GLU B 75 25.22 37.01 -5.12
CA GLU B 75 25.91 36.34 -6.20
C GLU B 75 27.25 35.81 -5.71
N ALA B 76 28.00 36.63 -4.95
CA ALA B 76 29.28 36.19 -4.37
C ALA B 76 29.05 35.05 -3.40
N LEU B 77 28.00 35.17 -2.58
CA LEU B 77 27.68 34.22 -1.55
C LEU B 77 27.22 32.87 -2.15
N LEU B 78 26.35 32.90 -3.19
CA LEU B 78 25.82 31.70 -3.84
C LEU B 78 26.96 30.90 -4.46
N ALA B 79 27.91 31.61 -5.06
CA ALA B 79 29.10 31.09 -5.71
C ALA B 79 30.00 30.40 -4.70
N ASP B 80 30.40 31.10 -3.62
CA ASP B 80 31.26 30.57 -2.56
C ASP B 80 30.61 29.36 -1.88
N ALA B 81 29.28 29.40 -1.63
CA ALA B 81 28.51 28.34 -1.02
C ALA B 81 28.55 27.07 -1.87
N SER B 82 28.52 27.23 -3.20
CA SER B 82 28.50 26.09 -4.13
C SER B 82 29.89 25.46 -4.28
N LYS B 83 30.90 26.06 -3.65
CA LYS B 83 32.27 25.56 -3.63
C LYS B 83 32.58 24.86 -2.28
N LEU B 84 31.59 24.80 -1.35
CA LEU B 84 31.82 24.12 -0.07
C LEU B 84 31.89 22.63 -0.26
N PRO B 85 32.95 21.91 0.18
CA PRO B 85 32.90 20.45 0.10
C PRO B 85 32.05 19.94 1.25
N ASN B 86 31.81 18.63 1.32
CA ASN B 86 31.09 18.08 2.48
C ASN B 86 32.02 18.25 3.70
N LEU B 87 31.45 18.27 4.89
CA LEU B 87 32.20 18.50 6.11
C LEU B 87 33.27 17.45 6.43
N LYS B 88 33.11 16.18 5.98
CA LYS B 88 34.16 15.18 6.19
C LYS B 88 35.39 15.60 5.41
N GLU B 89 35.20 16.00 4.14
CA GLU B 89 36.27 16.44 3.27
C GLU B 89 36.92 17.73 3.76
N LEU B 90 36.14 18.67 4.21
CA LEU B 90 36.70 19.88 4.68
C LEU B 90 37.62 19.63 5.82
N LEU B 91 37.16 18.88 6.78
CA LEU B 91 37.91 18.60 7.96
C LEU B 91 39.13 17.77 7.80
N GLN B 92 39.16 16.90 6.81
CA GLN B 92 40.33 16.06 6.62
C GLN B 92 41.26 16.59 5.57
N SER B 93 40.79 17.54 4.81
CA SER B 93 41.62 18.12 3.78
C SER B 93 42.69 19.00 4.27
N SER B 94 43.85 18.66 3.69
CA SER B 94 45.18 19.25 3.72
C SER B 94 45.27 20.61 2.97
N GLY B 95 46.50 21.13 2.92
CA GLY B 95 46.82 22.43 2.35
C GLY B 95 46.00 23.51 3.02
N ASP B 96 45.92 24.66 2.31
CA ASP B 96 45.16 25.88 2.63
C ASP B 96 44.27 26.13 1.43
N ASN B 97 43.52 25.09 1.05
CA ASN B 97 42.71 24.98 -0.17
C ASN B 97 41.25 25.40 -0.04
N HIS B 98 40.77 25.57 1.17
CA HIS B 98 39.38 25.87 1.31
C HIS B 98 39.09 27.08 2.12
N LYS B 99 39.95 28.07 2.00
CA LYS B 99 39.78 29.31 2.73
C LYS B 99 38.36 29.84 2.75
N ARG B 100 37.85 30.25 1.62
CA ARG B 100 36.52 30.81 1.57
C ARG B 100 35.48 29.93 2.22
N ALA B 101 35.67 28.63 2.17
CA ALA B 101 34.75 27.65 2.78
C ALA B 101 34.84 27.65 4.31
N TRP B 102 36.07 27.71 4.84
CA TRP B 102 36.29 27.71 6.25
C TRP B 102 35.73 28.98 6.86
N ASP B 103 35.92 30.10 6.17
CA ASP B 103 35.38 31.38 6.58
C ASP B 103 33.84 31.25 6.73
N LEU B 104 33.19 30.70 5.75
CA LEU B 104 31.75 30.58 5.69
C LEU B 104 31.18 29.56 6.71
N VAL B 105 31.79 28.36 6.82
CA VAL B 105 31.41 27.38 7.82
C VAL B 105 31.59 27.95 9.23
N SER B 106 32.73 28.63 9.48
CA SER B 106 33.00 29.30 10.76
C SER B 106 31.90 30.27 11.07
N TRP B 107 31.44 31.04 10.09
CA TRP B 107 30.35 31.98 10.35
C TRP B 107 29.05 31.21 10.71
N ILE B 108 28.68 30.23 9.86
CA ILE B 108 27.49 29.41 10.05
C ILE B 108 27.42 28.83 11.47
N LEU B 109 28.57 28.34 12.01
CA LEU B 109 28.65 27.63 13.30
C LEU B 109 28.95 28.51 14.50
N SER B 110 29.06 29.82 14.29
CA SER B 110 29.54 30.81 15.30
C SER B 110 28.69 31.50 16.38
N SER B 111 27.42 31.19 16.66
CA SER B 111 26.51 31.76 17.65
C SER B 111 27.05 31.70 19.06
N LYS B 112 26.80 32.77 19.80
CA LYS B 112 27.20 32.83 21.19
C LYS B 112 25.90 32.68 22.05
N VAL B 113 24.73 32.47 21.36
CA VAL B 113 23.45 32.35 22.01
C VAL B 113 22.99 30.89 22.06
N LEU B 114 23.29 30.10 21.06
CA LEU B 114 22.82 28.75 21.05
C LEU B 114 23.68 27.84 20.26
N THR B 115 23.35 26.56 20.29
CA THR B 115 24.02 25.58 19.49
C THR B 115 23.09 24.40 19.32
N ILE B 116 23.40 23.50 18.40
CA ILE B 116 22.49 22.41 18.09
C ILE B 116 23.18 21.09 18.24
N HIS B 117 22.49 20.14 18.87
CA HIS B 117 23.05 18.86 19.19
C HIS B 117 22.30 17.74 18.53
N SER B 118 23.00 16.82 17.90
CA SER B 118 22.40 15.58 17.42
C SER B 118 21.85 14.80 18.62
N ALA B 119 20.66 14.25 18.49
CA ALA B 119 20.04 13.39 19.49
C ALA B 119 19.71 12.04 18.86
N GLY B 120 19.64 11.02 19.68
CA GLY B 120 19.24 9.70 19.21
C GLY B 120 17.74 9.46 19.29
N LYS B 121 17.24 8.39 18.60
CA LYS B 121 15.81 8.07 18.62
C LYS B 121 15.41 7.33 19.93
N ALA B 122 16.02 7.78 21.03
CA ALA B 122 15.83 7.47 22.45
C ALA B 122 15.18 8.72 23.07
N GLU B 123 15.22 9.82 22.29
CA GLU B 123 14.65 11.14 22.58
C GLU B 123 13.44 11.35 21.71
N PHE B 124 13.30 10.60 20.58
CA PHE B 124 12.05 10.68 19.80
C PHE B 124 10.91 10.09 20.65
N GLU B 125 11.27 9.09 21.50
CA GLU B 125 10.35 8.42 22.45
C GLU B 125 9.95 9.44 23.50
N LYS B 126 10.96 10.17 24.04
CA LYS B 126 10.79 11.22 25.03
C LYS B 126 9.89 12.34 24.49
N ILE B 127 10.12 12.78 23.24
CA ILE B 127 9.34 13.82 22.56
C ILE B 127 7.90 13.39 22.44
N GLN B 128 7.68 12.14 22.00
CA GLN B 128 6.36 11.58 21.84
C GLN B 128 5.63 11.55 23.18
N LYS B 129 6.34 11.25 24.27
CA LYS B 129 5.78 11.22 25.63
C LYS B 129 5.37 12.64 26.08
N LEU B 130 6.16 13.66 25.70
CA LEU B 130 5.94 15.08 26.03
C LEU B 130 4.78 15.73 25.26
N THR B 131 4.69 15.44 23.95
CA THR B 131 3.67 16.00 23.03
C THR B 131 2.35 15.25 23.11
N GLY B 132 2.42 13.98 23.54
CA GLY B 132 1.28 13.09 23.68
C GLY B 132 1.29 12.08 22.57
N ALA B 133 0.95 10.80 22.90
CA ALA B 133 0.86 9.64 21.99
C ALA B 133 0.06 10.00 20.71
N PRO B 134 0.59 9.60 19.51
CA PRO B 134 -0.05 10.01 18.23
C PRO B 134 -1.42 9.42 18.02
N HIS B 135 -2.28 10.22 17.42
CA HIS B 135 -3.65 9.82 17.13
C HIS B 135 -3.79 9.36 15.67
N THR B 136 -2.79 9.67 14.83
CA THR B 136 -2.73 9.41 13.41
C THR B 136 -1.37 8.80 13.03
N PRO B 137 -1.26 7.91 12.07
CA PRO B 137 0.06 7.39 11.75
C PRO B 137 1.03 8.49 11.39
N VAL B 138 2.26 8.38 11.86
CA VAL B 138 3.25 9.37 11.52
C VAL B 138 4.54 8.68 11.22
N PRO B 139 5.39 9.36 10.34
CA PRO B 139 6.66 8.68 10.11
C PRO B 139 7.70 9.15 11.08
N ALA B 140 8.73 8.33 11.24
CA ALA B 140 9.78 8.58 12.22
C ALA B 140 10.83 9.43 11.58
N PRO B 141 11.32 10.47 12.30
CA PRO B 141 12.36 11.32 11.70
C PRO B 141 13.61 10.50 11.41
N ASP B 142 14.34 10.91 10.38
CA ASP B 142 15.59 10.28 10.02
C ASP B 142 16.69 10.79 10.96
N PHE B 143 16.54 12.06 11.39
CA PHE B 143 17.45 12.76 12.29
C PHE B 143 16.66 13.57 13.31
N LEU B 144 17.13 13.59 14.55
CA LEU B 144 16.56 14.32 15.67
C LEU B 144 17.65 15.24 16.21
N PHE B 145 17.29 16.50 16.45
CA PHE B 145 18.21 17.50 16.98
C PHE B 145 17.64 18.23 18.16
N GLU B 146 18.52 18.64 19.09
CA GLU B 146 18.13 19.45 20.23
C GLU B 146 18.85 20.81 20.18
N ILE B 147 18.12 21.91 20.56
CA ILE B 147 18.73 23.25 20.62
C ILE B 147 19.07 23.60 22.06
N GLU B 148 20.40 23.81 22.33
CA GLU B 148 20.91 24.25 23.63
C GLU B 148 21.06 25.75 23.58
N TYR B 149 20.41 26.46 24.55
CA TYR B 149 20.47 27.91 24.74
C TYR B 149 21.37 28.17 25.90
N PHE B 150 22.31 29.08 25.69
CA PHE B 150 23.28 29.47 26.71
C PHE B 150 22.71 30.60 27.51
N ASP B 151 23.24 30.82 28.75
CA ASP B 151 22.81 31.93 29.62
C ASP B 151 23.35 33.27 29.06
N PRO B 152 22.69 34.44 29.33
CA PRO B 152 21.50 34.71 30.19
C PRO B 152 20.16 34.28 29.59
N ALA B 153 20.06 34.19 28.24
CA ALA B 153 18.88 33.76 27.46
C ALA B 153 18.13 32.56 28.13
N ASN B 154 18.89 31.49 28.44
CA ASN B 154 18.35 30.28 29.04
C ASN B 154 17.69 30.58 30.40
N ALA B 155 18.41 31.25 31.30
CA ALA B 155 17.93 31.62 32.64
C ALA B 155 16.67 32.53 32.58
N LYS B 156 16.70 33.50 31.66
CA LYS B 156 15.63 34.45 31.36
C LYS B 156 14.32 33.70 31.04
N PHE B 157 14.36 32.66 30.17
CA PHE B 157 13.19 31.85 29.80
C PHE B 157 12.52 31.16 31.02
N TYR B 158 13.32 30.52 31.89
CA TYR B 158 12.80 29.82 33.07
C TYR B 158 12.29 30.80 34.14
N GLU B 159 12.89 32.00 34.20
CA GLU B 159 12.50 33.08 35.11
C GLU B 159 11.10 33.61 34.70
N THR B 160 10.86 33.71 33.37
CA THR B 160 9.60 34.09 32.74
C THR B 160 8.55 32.99 33.02
N LYS B 161 8.99 31.70 32.94
CA LYS B 161 8.19 30.50 33.18
C LYS B 161 7.64 30.49 34.62
N GLY B 162 8.56 30.47 35.60
CA GLY B 162 8.21 30.43 37.02
C GLY B 162 7.54 29.12 37.41
N GLU B 163 6.45 29.23 38.19
CA GLU B 163 5.64 28.09 38.69
C GLU B 163 4.77 27.45 37.58
N ARG B 164 4.63 28.13 36.41
CA ARG B 164 3.84 27.64 35.27
C ARG B 164 4.53 26.44 34.63
N ASP B 165 3.74 25.40 34.26
CA ASP B 165 4.25 24.17 33.63
C ASP B 165 4.53 24.38 32.14
N LEU B 166 5.40 23.55 31.53
CA LEU B 166 5.74 23.68 30.11
C LEU B 166 4.97 22.71 29.25
N ILE B 167 4.51 23.20 28.08
CA ILE B 167 3.77 22.47 27.06
C ILE B 167 4.75 22.17 25.92
N TYR B 168 4.55 21.03 25.23
CA TYR B 168 5.39 20.65 24.09
C TYR B 168 4.48 20.42 22.90
N ALA B 169 4.69 21.21 21.84
CA ALA B 169 3.87 21.15 20.65
C ALA B 169 4.73 21.31 19.42
N PHE B 170 4.23 20.81 18.30
CA PHE B 170 4.88 20.84 17.02
C PHE B 170 4.57 22.10 16.22
N HIS B 171 5.52 22.51 15.37
CA HIS B 171 5.39 23.62 14.43
C HIS B 171 6.10 23.29 13.14
N GLY B 172 5.32 23.10 12.09
CA GLY B 172 5.81 22.83 10.75
C GLY B 172 6.12 24.13 10.01
N SER B 173 7.06 24.05 9.06
CA SER B 173 7.44 25.18 8.23
C SER B 173 8.27 24.71 7.07
N ARG B 174 8.37 25.55 6.04
CA ARG B 174 9.22 25.35 4.87
C ARG B 174 10.68 25.41 5.33
N LEU B 175 11.53 24.59 4.75
CA LEU B 175 12.95 24.47 5.16
C LEU B 175 13.70 25.80 5.15
N GLU B 176 13.54 26.64 4.10
CA GLU B 176 14.18 27.93 3.97
C GLU B 176 13.88 28.88 5.16
N ASN B 177 12.92 28.54 6.03
CA ASN B 177 12.59 29.39 7.18
C ASN B 177 13.35 29.02 8.43
N PHE B 178 13.87 27.79 8.53
CA PHE B 178 14.47 27.31 9.79
C PHE B 178 15.80 28.00 10.20
N HIS B 179 16.64 28.52 9.29
CA HIS B 179 17.86 29.26 9.68
C HIS B 179 17.49 30.48 10.53
N SER B 180 16.48 31.23 10.03
CA SER B 180 15.92 32.44 10.63
C SER B 180 15.10 32.07 11.87
N ILE B 181 14.32 30.96 11.85
CA ILE B 181 13.51 30.53 12.98
C ILE B 181 14.49 30.25 14.14
N ILE B 182 15.52 29.43 13.93
CA ILE B 182 16.48 29.08 14.96
C ILE B 182 17.21 30.32 15.53
N HIS B 183 17.80 31.17 14.69
CA HIS B 183 18.61 32.28 15.19
C HIS B 183 17.82 33.45 15.64
N ASN B 184 16.64 33.71 15.07
CA ASN B 184 15.86 34.87 15.45
C ASN B 184 14.63 34.52 16.28
N GLY B 185 14.29 33.25 16.40
CA GLY B 185 13.10 32.75 17.09
C GLY B 185 11.86 32.85 16.22
N LEU B 186 10.72 32.33 16.72
CA LEU B 186 9.48 32.40 15.93
C LEU B 186 8.85 33.81 16.01
N HIS B 187 8.43 34.33 14.83
CA HIS B 187 7.73 35.53 14.39
C HIS B 187 6.52 36.03 15.23
N CYS B 188 6.30 37.35 15.13
CA CYS B 188 5.19 38.15 15.67
C CYS B 188 4.47 38.86 14.45
N HIS B 189 4.58 38.26 13.22
CA HIS B 189 4.03 38.79 11.96
C HIS B 189 2.87 37.91 11.40
N GLY B 197 -4.33 39.04 11.84
CA GLY B 197 -3.97 37.69 12.28
C GLY B 197 -2.49 37.40 12.57
N GLU B 198 -2.01 37.82 13.76
CA GLU B 198 -0.62 37.57 14.18
C GLU B 198 -0.61 36.45 15.24
N GLY B 199 0.49 35.72 15.28
CA GLY B 199 0.68 34.65 16.24
C GLY B 199 1.22 33.42 15.59
N THR B 200 1.87 32.54 16.40
CA THR B 200 2.48 31.28 15.93
C THR B 200 1.48 30.12 16.13
N TYR B 201 1.25 29.34 15.06
CA TYR B 201 0.31 28.21 15.13
C TYR B 201 1.06 26.92 15.52
N LEU B 202 0.53 26.19 16.49
CA LEU B 202 1.15 24.96 16.98
C LEU B 202 0.11 23.85 17.12
N THR B 203 0.57 22.61 17.12
CA THR B 203 -0.32 21.45 17.24
C THR B 203 0.39 20.29 17.98
N SER B 204 -0.37 19.46 18.69
CA SER B 204 0.15 18.31 19.42
C SER B 204 0.22 17.08 18.50
N ASP B 205 -0.36 17.20 17.27
CA ASP B 205 -0.37 16.14 16.25
C ASP B 205 0.68 16.45 15.16
N LEU B 206 1.76 15.67 15.18
CA LEU B 206 2.83 15.78 14.20
C LEU B 206 2.28 15.61 12.78
N SER B 207 1.17 14.84 12.62
CA SER B 207 0.60 14.61 11.29
C SER B 207 0.03 15.91 10.71
N LEU B 208 -0.38 16.88 11.57
CA LEU B 208 -0.88 18.19 11.13
C LEU B 208 0.30 19.12 10.83
N ALA B 209 1.31 19.14 11.72
CA ALA B 209 2.50 19.94 11.53
C ALA B 209 3.23 19.58 10.25
N LEU B 210 3.26 18.28 9.88
CA LEU B 210 3.92 17.79 8.67
C LEU B 210 3.31 18.35 7.40
N ILE B 211 1.99 18.66 7.38
CA ILE B 211 1.39 19.19 6.15
C ILE B 211 1.96 20.61 5.88
N TYR B 212 2.52 21.27 6.93
CA TYR B 212 3.14 22.61 6.89
C TYR B 212 4.66 22.55 6.65
N SER B 213 5.21 21.33 6.58
CA SER B 213 6.62 21.04 6.40
C SER B 213 6.87 20.24 5.13
N PRO B 214 6.63 20.81 3.93
CA PRO B 214 6.97 20.04 2.72
C PRO B 214 8.50 19.92 2.56
N HIS B 215 8.96 18.94 1.75
CA HIS B 215 10.39 18.78 1.45
C HIS B 215 10.93 20.03 0.70
N GLY B 216 12.12 20.45 1.06
CA GLY B 216 12.78 21.58 0.43
C GLY B 216 14.19 21.25 0.05
N HIS B 217 14.84 22.15 -0.69
CA HIS B 217 16.18 21.89 -1.13
C HIS B 217 17.17 22.33 -0.07
N GLY B 218 17.96 21.39 0.42
CA GLY B 218 18.99 21.62 1.40
C GLY B 218 20.30 21.89 0.72
N TRP B 219 21.33 21.14 1.05
CA TRP B 219 22.66 21.34 0.52
C TRP B 219 23.11 20.08 -0.25
N GLN B 220 23.60 20.24 -1.48
CA GLN B 220 23.98 19.09 -2.29
C GLN B 220 25.01 18.12 -1.61
N HIS B 221 25.89 18.67 -0.75
CA HIS B 221 26.90 17.88 -0.09
C HIS B 221 26.54 17.46 1.33
N SER B 222 25.27 17.54 1.68
CA SER B 222 24.84 17.17 3.03
C SER B 222 24.85 15.67 3.25
N LEU B 223 25.29 15.25 4.47
CA LEU B 223 25.28 13.86 4.95
C LEU B 223 23.86 13.44 5.22
N LEU B 224 22.96 14.42 5.42
CA LEU B 224 21.55 14.27 5.69
C LEU B 224 20.79 14.05 4.38
N GLY B 225 21.39 14.44 3.26
CA GLY B 225 20.78 14.36 1.94
C GLY B 225 20.45 15.74 1.42
N PRO B 226 20.19 15.86 0.11
CA PRO B 226 19.89 17.20 -0.46
C PRO B 226 18.45 17.70 -0.32
N ILE B 227 17.46 16.82 -0.12
CA ILE B 227 16.06 17.26 0.02
C ILE B 227 15.58 16.85 1.41
N LEU B 228 15.20 17.83 2.20
CA LEU B 228 14.81 17.65 3.58
C LEU B 228 13.51 18.37 3.97
N SER B 229 12.86 17.79 5.00
CA SER B 229 11.69 18.31 5.67
C SER B 229 12.02 18.47 7.18
N CYS B 230 11.71 19.62 7.75
CA CYS B 230 12.04 19.93 9.14
C CYS B 230 10.78 20.36 9.90
N VAL B 231 10.59 19.80 11.11
CA VAL B 231 9.46 20.09 12.00
C VAL B 231 10.04 20.49 13.33
N ALA B 232 9.55 21.55 13.91
CA ALA B 232 10.05 22.02 15.20
C ALA B 232 9.21 21.48 16.35
N VAL B 233 9.83 21.27 17.51
CA VAL B 233 9.16 20.92 18.76
C VAL B 233 9.41 22.11 19.66
N CYS B 234 8.36 22.70 20.18
CA CYS B 234 8.46 23.93 20.95
C CYS B 234 8.18 23.72 22.42
N GLU B 235 8.88 24.46 23.26
CA GLU B 235 8.72 24.56 24.71
C GLU B 235 7.80 25.74 24.89
N VAL B 236 6.57 25.53 25.38
CA VAL B 236 5.62 26.64 25.51
C VAL B 236 5.27 26.86 26.99
N ILE B 237 5.51 28.09 27.51
CA ILE B 237 5.13 28.45 28.87
C ILE B 237 3.59 28.54 28.90
N ASP B 238 2.94 27.67 29.69
CA ASP B 238 1.48 27.62 29.77
C ASP B 238 0.86 28.87 30.44
N HIS B 239 0.07 29.63 29.66
CA HIS B 239 -0.70 30.83 30.04
C HIS B 239 -2.05 30.76 29.29
N PRO B 240 -3.22 31.22 29.84
CA PRO B 240 -4.51 31.06 29.11
C PRO B 240 -4.50 31.58 27.66
N ASP B 268 -10.93 14.03 17.34
CA ASP B 268 -10.71 15.39 16.86
C ASP B 268 -10.11 15.42 15.40
N ILE B 269 -10.99 15.56 14.34
CA ILE B 269 -10.62 15.59 12.90
C ILE B 269 -11.19 16.85 12.15
N PRO B 270 -10.31 17.62 11.45
CA PRO B 270 -8.85 17.50 11.42
C PRO B 270 -8.31 17.85 12.81
N PRO B 271 -7.09 17.35 13.15
CA PRO B 271 -6.50 17.61 14.48
C PRO B 271 -6.67 19.03 15.03
N LYS B 272 -6.69 19.14 16.37
CA LYS B 272 -6.74 20.44 17.03
C LYS B 272 -5.37 21.15 16.94
N TYR B 273 -5.40 22.48 16.87
CA TYR B 273 -4.22 23.34 16.87
C TYR B 273 -4.49 24.50 17.86
N PHE B 274 -3.49 25.35 18.12
CA PHE B 274 -3.63 26.48 19.01
C PHE B 274 -2.62 27.55 18.62
N VAL B 275 -2.90 28.83 18.97
CA VAL B 275 -2.07 29.97 18.60
C VAL B 275 -1.42 30.65 19.82
N VAL B 276 -0.11 30.96 19.70
CA VAL B 276 0.71 31.66 20.70
C VAL B 276 1.01 33.06 20.14
N THR B 277 0.49 34.10 20.82
CA THR B 277 0.60 35.51 20.41
C THR B 277 1.88 36.22 20.91
N ASN B 278 2.24 36.07 22.21
CA ASN B 278 3.47 36.69 22.71
C ASN B 278 4.64 35.70 22.55
N ASN B 279 5.62 36.05 21.70
CA ASN B 279 6.76 35.21 21.35
C ASN B 279 7.81 35.05 22.49
N GLN B 280 7.57 35.63 23.70
CA GLN B 280 8.46 35.45 24.86
C GLN B 280 8.09 34.16 25.62
N LEU B 281 6.91 33.55 25.22
CA LEU B 281 6.31 32.37 25.84
C LEU B 281 6.69 31.07 25.15
N LEU B 282 7.55 31.11 24.13
CA LEU B 282 7.91 29.89 23.42
C LEU B 282 9.32 29.94 22.83
N ARG B 283 9.86 28.76 22.49
CA ARG B 283 11.17 28.61 21.87
C ARG B 283 11.29 27.23 21.26
N VAL B 284 12.01 27.15 20.12
CA VAL B 284 12.22 25.87 19.47
C VAL B 284 13.22 25.09 20.33
N LYS B 285 12.85 23.85 20.71
CA LYS B 285 13.73 23.04 21.53
C LYS B 285 14.26 21.85 20.75
N TYR B 286 13.44 21.27 19.86
CA TYR B 286 13.92 20.14 19.05
C TYR B 286 13.66 20.34 17.58
N LEU B 287 14.37 19.57 16.73
CA LEU B 287 14.14 19.63 15.30
C LEU B 287 14.01 18.19 14.77
N LEU B 288 12.89 17.87 14.12
CA LEU B 288 12.68 16.57 13.49
C LEU B 288 12.97 16.73 12.03
N VAL B 289 14.00 16.03 11.53
CA VAL B 289 14.45 16.16 10.12
C VAL B 289 14.16 14.88 9.39
N TYR B 290 13.57 15.02 8.20
CA TYR B 290 13.19 13.91 7.32
C TYR B 290 13.86 14.06 5.97
N SER B 291 14.54 12.99 5.45
CA SER B 291 15.18 13.00 4.13
C SER B 291 14.40 12.28 3.11
N GLN B 292 14.15 12.89 1.96
CA GLN B 292 13.50 12.26 0.81
C GLN B 292 14.48 11.31 0.13
N LYS B 293 14.04 10.11 -0.25
CA LYS B 293 14.91 9.12 -0.90
C LYS B 293 14.52 8.91 -2.37
N MET C 23 -15.43 -10.02 -21.66
CA MET C 23 -14.86 -9.02 -20.76
C MET C 23 -14.11 -7.92 -21.57
N GLY C 24 -14.26 -6.65 -21.15
CA GLY C 24 -13.61 -5.48 -21.75
C GLY C 24 -12.11 -5.40 -21.55
N TRP C 25 -11.45 -4.48 -22.26
CA TRP C 25 -10.00 -4.23 -22.31
C TRP C 25 -9.42 -3.71 -20.97
N ALA C 26 -10.12 -2.78 -20.34
CA ALA C 26 -9.67 -2.24 -19.07
C ALA C 26 -9.77 -3.29 -17.95
N ALA C 27 -10.83 -4.12 -18.02
CA ALA C 27 -11.01 -5.22 -17.10
C ALA C 27 -9.91 -6.27 -17.29
N ALA C 28 -9.49 -6.48 -18.57
CA ALA C 28 -8.42 -7.41 -18.97
C ALA C 28 -7.07 -6.91 -18.46
N ARG C 29 -6.83 -5.59 -18.54
CA ARG C 29 -5.60 -4.93 -18.10
C ARG C 29 -5.43 -5.06 -16.54
N GLU C 30 -6.56 -4.99 -15.80
CA GLU C 30 -6.58 -5.14 -14.34
C GLU C 30 -6.32 -6.59 -13.99
N ALA C 31 -6.98 -7.53 -14.68
CA ALA C 31 -6.82 -8.96 -14.42
C ALA C 31 -5.38 -9.43 -14.66
N ALA C 32 -4.80 -9.01 -15.80
CA ALA C 32 -3.43 -9.37 -16.16
C ALA C 32 -2.43 -8.71 -15.22
N GLY C 33 -2.67 -7.45 -14.85
CA GLY C 33 -1.79 -6.74 -13.94
C GLY C 33 -1.78 -7.27 -12.50
N ARG C 34 -2.88 -7.92 -12.08
CA ARG C 34 -3.02 -8.44 -10.71
C ARG C 34 -2.22 -9.76 -10.54
N ASP C 35 -2.06 -10.53 -11.65
CA ASP C 35 -1.33 -11.80 -11.68
C ASP C 35 -0.89 -12.09 -13.12
N MET C 36 0.30 -11.54 -13.51
CA MET C 36 0.88 -11.66 -14.86
C MET C 36 1.29 -13.08 -15.20
N LEU C 37 1.90 -13.82 -14.25
CA LEU C 37 2.30 -15.19 -14.51
C LEU C 37 1.09 -16.09 -14.72
N ALA C 38 -0.03 -15.86 -13.97
CA ALA C 38 -1.28 -16.64 -14.17
C ALA C 38 -1.93 -16.27 -15.53
N ALA C 39 -1.90 -14.97 -15.91
CA ALA C 39 -2.44 -14.46 -17.19
C ALA C 39 -1.65 -15.07 -18.33
N ASP C 40 -0.29 -15.02 -18.20
CA ASP C 40 0.67 -15.58 -19.12
C ASP C 40 0.43 -17.09 -19.28
N LEU C 41 0.21 -17.84 -18.17
CA LEU C 41 -0.05 -19.27 -18.28
C LEU C 41 -1.29 -19.56 -19.17
N ARG C 42 -2.37 -18.82 -18.94
CA ARG C 42 -3.63 -18.95 -19.63
C ARG C 42 -3.45 -18.68 -21.15
N CYS C 43 -2.53 -17.74 -21.52
CA CYS C 43 -2.15 -17.39 -22.90
C CYS C 43 -1.29 -18.50 -23.52
N SER C 44 -0.40 -19.10 -22.70
CA SER C 44 0.54 -20.15 -23.08
C SER C 44 -0.21 -21.45 -23.33
N LEU C 45 -1.20 -21.75 -22.47
CA LEU C 45 -2.02 -22.94 -22.60
C LEU C 45 -2.97 -22.85 -23.82
N PHE C 46 -3.41 -21.61 -24.15
CA PHE C 46 -4.26 -21.31 -25.29
C PHE C 46 -3.46 -21.48 -26.57
N ALA C 47 -2.20 -20.94 -26.58
CA ALA C 47 -1.27 -21.02 -27.68
C ALA C 47 -0.97 -22.47 -27.98
N SER C 48 -0.70 -23.27 -26.91
CA SER C 48 -0.38 -24.69 -27.04
C SER C 48 -1.51 -25.46 -27.74
N ALA C 49 -2.77 -25.24 -27.32
CA ALA C 49 -3.96 -25.88 -27.90
C ALA C 49 -4.18 -25.40 -29.36
N LEU C 50 -4.06 -24.08 -29.59
CA LEU C 50 -4.25 -23.47 -30.90
C LEU C 50 -3.23 -23.97 -31.92
N GLN C 51 -1.95 -24.03 -31.52
CA GLN C 51 -0.89 -24.47 -32.40
C GLN C 51 -0.97 -25.97 -32.69
N SER C 52 -1.47 -26.80 -31.75
CA SER C 52 -1.59 -28.25 -31.91
C SER C 52 -2.38 -28.63 -33.16
N TYR C 53 -1.95 -29.68 -33.88
CA TYR C 53 -2.67 -30.20 -35.05
C TYR C 53 -4.07 -30.68 -34.62
N LYS C 54 -4.25 -30.90 -33.31
CA LYS C 54 -5.48 -31.35 -32.66
C LYS C 54 -6.38 -30.15 -32.27
N ARG C 55 -6.01 -28.90 -32.68
CA ARG C 55 -6.71 -27.67 -32.33
C ARG C 55 -8.25 -27.75 -32.47
N ASP C 56 -8.75 -28.49 -33.47
CA ASP C 56 -10.19 -28.57 -33.67
C ASP C 56 -10.90 -29.12 -32.44
N SER C 57 -10.28 -30.09 -31.75
CA SER C 57 -10.84 -30.73 -30.57
C SER C 57 -10.29 -30.16 -29.25
N VAL C 58 -8.97 -29.90 -29.18
CA VAL C 58 -8.33 -29.41 -27.96
C VAL C 58 -8.62 -27.91 -27.71
N LEU C 59 -8.85 -27.07 -28.74
CA LEU C 59 -9.17 -25.66 -28.48
C LEU C 59 -10.67 -25.49 -28.25
N ARG C 60 -11.07 -25.87 -27.04
CA ARG C 60 -12.43 -25.83 -26.52
C ARG C 60 -12.31 -25.46 -25.07
N PRO C 61 -12.80 -24.29 -24.61
CA PRO C 61 -13.61 -23.28 -25.32
C PRO C 61 -12.88 -22.54 -26.45
N PHE C 62 -13.61 -22.25 -27.55
CA PHE C 62 -13.11 -21.53 -28.73
C PHE C 62 -13.67 -20.09 -28.75
N PRO C 63 -12.87 -19.06 -29.09
CA PRO C 63 -13.42 -17.68 -29.11
C PRO C 63 -14.48 -17.52 -30.20
N ALA C 64 -15.75 -17.23 -29.82
CA ALA C 64 -16.85 -17.14 -30.80
C ALA C 64 -16.65 -16.09 -31.89
N SER C 65 -15.84 -15.03 -31.61
CA SER C 65 -15.50 -13.95 -32.55
C SER C 65 -14.82 -14.52 -33.80
N TYR C 66 -14.17 -15.69 -33.66
CA TYR C 66 -13.47 -16.36 -34.74
C TYR C 66 -14.26 -17.53 -35.35
N ALA C 67 -15.59 -17.55 -35.14
CA ALA C 67 -16.45 -18.59 -35.71
C ALA C 67 -17.62 -17.98 -36.42
N ARG C 68 -17.91 -18.49 -37.62
CA ARG C 68 -19.08 -18.04 -38.38
C ARG C 68 -20.23 -18.95 -37.91
N GLY C 69 -20.59 -20.00 -38.65
CA GLY C 69 -21.59 -20.93 -38.16
C GLY C 69 -20.84 -21.96 -37.34
N ASP C 70 -20.83 -23.18 -37.88
CA ASP C 70 -20.04 -24.27 -37.31
C ASP C 70 -18.56 -24.03 -37.60
N CYS C 71 -18.29 -23.15 -38.60
CA CYS C 71 -16.98 -22.84 -39.16
C CYS C 71 -16.08 -22.03 -38.26
N LYS C 72 -15.12 -22.73 -37.68
CA LYS C 72 -14.08 -22.12 -36.86
C LYS C 72 -12.97 -21.67 -37.84
N ASP C 73 -12.62 -20.37 -37.79
CA ASP C 73 -11.60 -19.73 -38.61
C ASP C 73 -10.27 -19.76 -37.88
N PHE C 74 -9.62 -20.94 -37.92
CA PHE C 74 -8.34 -21.15 -37.26
C PHE C 74 -7.22 -20.37 -37.94
N GLU C 75 -7.37 -20.04 -39.22
CA GLU C 75 -6.37 -19.25 -39.93
C GLU C 75 -6.39 -17.82 -39.41
N ALA C 76 -7.59 -17.22 -39.23
CA ALA C 76 -7.69 -15.87 -38.68
C ALA C 76 -7.14 -15.84 -37.25
N LEU C 77 -7.47 -16.87 -36.46
CA LEU C 77 -7.08 -16.98 -35.07
C LEU C 77 -5.58 -17.19 -34.90
N LEU C 78 -4.97 -18.09 -35.72
CA LEU C 78 -3.54 -18.40 -35.68
C LEU C 78 -2.72 -17.15 -36.01
N ALA C 79 -3.19 -16.39 -36.99
CA ALA C 79 -2.60 -15.15 -37.45
C ALA C 79 -2.63 -14.10 -36.36
N ASP C 80 -3.82 -13.82 -35.77
CA ASP C 80 -3.97 -12.83 -34.71
C ASP C 80 -3.17 -13.22 -33.46
N ALA C 81 -3.14 -14.53 -33.11
CA ALA C 81 -2.38 -15.06 -31.98
C ALA C 81 -0.87 -14.84 -32.15
N SER C 82 -0.36 -14.97 -33.37
CA SER C 82 1.06 -14.81 -33.66
C SER C 82 1.49 -13.34 -33.66
N LYS C 83 0.50 -12.41 -33.55
CA LYS C 83 0.72 -10.96 -33.48
C LYS C 83 0.66 -10.47 -32.03
N LEU C 84 0.38 -11.36 -31.06
CA LEU C 84 0.33 -10.98 -29.65
C LEU C 84 1.71 -10.63 -29.14
N PRO C 85 1.95 -9.42 -28.60
CA PRO C 85 3.26 -9.17 -27.95
C PRO C 85 3.25 -9.86 -26.59
N ASN C 86 4.37 -9.81 -25.85
CA ASN C 86 4.38 -10.35 -24.50
C ASN C 86 3.48 -9.44 -23.64
N LEU C 87 2.98 -9.97 -22.52
CA LEU C 87 2.04 -9.24 -21.68
C LEU C 87 2.60 -7.96 -21.09
N LYS C 88 3.92 -7.86 -20.83
CA LYS C 88 4.49 -6.61 -20.31
C LYS C 88 4.33 -5.51 -21.35
N GLU C 89 4.65 -5.82 -22.64
CA GLU C 89 4.53 -4.89 -23.76
C GLU C 89 3.09 -4.51 -24.04
N LEU C 90 2.18 -5.49 -24.03
CA LEU C 90 0.76 -5.23 -24.28
C LEU C 90 0.22 -4.20 -23.28
N LEU C 91 0.53 -4.37 -21.97
CA LEU C 91 0.07 -3.54 -20.87
C LEU C 91 0.70 -2.16 -20.87
N GLN C 92 2.03 -2.07 -21.13
CA GLN C 92 2.69 -0.76 -21.15
C GLN C 92 2.35 0.02 -22.45
N SER C 93 1.99 -0.68 -23.53
CA SER C 93 1.54 0.02 -24.73
C SER C 93 0.03 0.37 -24.55
N SER C 94 -0.35 1.64 -24.71
CA SER C 94 -1.77 2.04 -24.58
C SER C 94 -2.48 1.86 -25.92
N GLY C 95 -2.74 0.59 -26.31
CA GLY C 95 -3.39 0.19 -27.58
C GLY C 95 -2.86 0.92 -28.81
N ASP C 96 -3.65 1.29 -29.86
CA ASP C 96 -5.03 1.03 -30.27
C ASP C 96 -4.95 0.40 -31.65
N ASN C 97 -3.74 -0.10 -31.96
CA ASN C 97 -3.34 -0.93 -33.09
C ASN C 97 -3.13 -2.36 -32.55
N HIS C 98 -3.04 -2.52 -31.16
CA HIS C 98 -3.06 -3.83 -30.45
C HIS C 98 -4.54 -4.21 -30.13
N LYS C 99 -5.51 -3.60 -30.84
CA LYS C 99 -6.95 -3.78 -30.73
C LYS C 99 -7.33 -5.29 -30.87
N ARG C 100 -6.87 -6.01 -31.92
CA ARG C 100 -7.17 -7.42 -32.10
C ARG C 100 -6.57 -8.29 -31.00
N ALA C 101 -5.39 -7.89 -30.47
CA ALA C 101 -4.67 -8.60 -29.39
C ALA C 101 -5.42 -8.46 -28.04
N TRP C 102 -5.91 -7.24 -27.78
CA TRP C 102 -6.64 -6.95 -26.55
C TRP C 102 -7.91 -7.72 -26.51
N ASP C 103 -8.60 -7.80 -27.66
CA ASP C 103 -9.82 -8.56 -27.80
C ASP C 103 -9.57 -10.03 -27.43
N LEU C 104 -8.50 -10.61 -27.96
CA LEU C 104 -8.12 -11.99 -27.75
C LEU C 104 -7.68 -12.30 -26.32
N VAL C 105 -6.80 -11.45 -25.74
CA VAL C 105 -6.34 -11.60 -24.36
C VAL C 105 -7.53 -11.48 -23.42
N SER C 106 -8.42 -10.49 -23.68
CA SER C 106 -9.63 -10.31 -22.90
C SER C 106 -10.46 -11.58 -22.88
N TRP C 107 -10.61 -12.23 -24.05
CA TRP C 107 -11.36 -13.47 -24.10
C TRP C 107 -10.64 -14.57 -23.27
N ILE C 108 -9.33 -14.76 -23.51
CA ILE C 108 -8.51 -15.76 -22.84
C ILE C 108 -8.68 -15.70 -21.31
N LEU C 109 -8.69 -14.45 -20.74
CA LEU C 109 -8.73 -14.19 -19.29
C LEU C 109 -10.13 -14.07 -18.69
N SER C 110 -11.14 -14.16 -19.54
CA SER C 110 -12.54 -14.19 -19.17
C SER C 110 -12.88 -15.62 -18.83
N SER C 111 -13.64 -15.75 -17.79
CA SER C 111 -14.34 -16.93 -17.26
C SER C 111 -15.21 -16.46 -16.15
N LYS C 112 -16.42 -17.02 -16.10
CA LYS C 112 -17.39 -16.72 -15.07
C LYS C 112 -17.40 -17.86 -14.06
N VAL C 113 -16.63 -18.92 -14.36
CA VAL C 113 -16.56 -20.13 -13.56
C VAL C 113 -15.30 -20.17 -12.71
N LEU C 114 -14.16 -19.70 -13.18
CA LEU C 114 -12.99 -19.79 -12.33
C LEU C 114 -11.92 -18.78 -12.64
N THR C 115 -10.89 -18.79 -11.81
CA THR C 115 -9.75 -17.96 -12.05
C THR C 115 -8.52 -18.69 -11.59
N ILE C 116 -7.36 -18.21 -11.99
CA ILE C 116 -6.14 -18.89 -11.71
C ILE C 116 -5.21 -17.96 -10.99
N HIS C 117 -4.53 -18.47 -10.00
CA HIS C 117 -3.70 -17.65 -9.13
C HIS C 117 -2.31 -18.21 -9.04
N SER C 118 -1.30 -17.36 -9.22
CA SER C 118 0.08 -17.75 -8.98
C SER C 118 0.21 -18.10 -7.48
N ALA C 119 0.91 -19.18 -7.16
CA ALA C 119 1.21 -19.60 -5.78
C ALA C 119 2.71 -19.71 -5.60
N GLY C 120 3.16 -19.55 -4.37
CA GLY C 120 4.59 -19.67 -4.08
C GLY C 120 4.97 -21.09 -3.69
N LYS C 121 6.30 -21.39 -3.69
CA LYS C 121 6.79 -22.72 -3.33
C LYS C 121 6.83 -22.87 -1.77
N ALA C 122 5.80 -22.32 -1.13
CA ALA C 122 5.39 -22.39 0.28
C ALA C 122 4.12 -23.24 0.31
N GLU C 123 3.57 -23.47 -0.91
CA GLU C 123 2.40 -24.28 -1.23
C GLU C 123 2.85 -25.56 -1.92
N PHE C 124 4.09 -25.59 -2.51
CA PHE C 124 4.61 -26.85 -3.06
C PHE C 124 4.88 -27.80 -1.88
N GLU C 125 5.24 -27.21 -0.70
CA GLU C 125 5.50 -27.92 0.56
C GLU C 125 4.18 -28.49 1.04
N LYS C 126 3.12 -27.65 1.02
CA LYS C 126 1.75 -27.98 1.40
C LYS C 126 1.24 -29.12 0.51
N ILE C 127 1.44 -29.03 -0.82
CA ILE C 127 1.01 -30.03 -1.82
C ILE C 127 1.68 -31.35 -1.52
N GLN C 128 3.00 -31.33 -1.27
CA GLN C 128 3.78 -32.51 -0.96
C GLN C 128 3.26 -33.19 0.30
N LYS C 129 2.88 -32.39 1.31
CA LYS C 129 2.32 -32.89 2.57
C LYS C 129 0.96 -33.58 2.33
N LEU C 130 0.12 -33.00 1.44
CA LEU C 130 -1.22 -33.46 1.07
C LEU C 130 -1.23 -34.75 0.22
N THR C 131 -0.32 -34.84 -0.76
CA THR C 131 -0.21 -35.96 -1.68
C THR C 131 0.63 -37.11 -1.10
N GLY C 132 1.54 -36.76 -0.20
CA GLY C 132 2.44 -37.71 0.44
C GLY C 132 3.85 -37.54 -0.10
N ALA C 133 4.86 -37.65 0.79
CA ALA C 133 6.29 -37.53 0.48
C ALA C 133 6.71 -38.46 -0.71
N PRO C 134 7.55 -37.94 -1.66
CA PRO C 134 7.95 -38.75 -2.84
C PRO C 134 8.79 -39.97 -2.52
N HIS C 135 8.54 -41.03 -3.26
CA HIS C 135 9.23 -42.32 -3.13
C HIS C 135 10.30 -42.48 -4.20
N THR C 136 10.26 -41.61 -5.23
CA THR C 136 11.14 -41.64 -6.40
C THR C 136 11.70 -40.21 -6.68
N PRO C 137 12.95 -40.04 -7.22
CA PRO C 137 13.48 -38.68 -7.50
C PRO C 137 12.53 -37.89 -8.36
N VAL C 138 12.31 -36.63 -7.99
CA VAL C 138 11.33 -35.82 -8.66
C VAL C 138 11.78 -34.33 -8.74
N PRO C 139 11.53 -33.64 -9.88
CA PRO C 139 11.91 -32.23 -9.98
C PRO C 139 10.91 -31.27 -9.29
N ALA C 140 11.42 -30.11 -8.83
CA ALA C 140 10.57 -29.09 -8.22
C ALA C 140 10.00 -28.23 -9.33
N PRO C 141 8.69 -27.90 -9.28
CA PRO C 141 8.11 -27.07 -10.35
C PRO C 141 8.77 -25.70 -10.38
N ASP C 142 8.81 -25.10 -11.56
CA ASP C 142 9.37 -23.77 -11.73
C ASP C 142 8.30 -22.76 -11.33
N PHE C 143 7.02 -23.15 -11.56
CA PHE C 143 5.84 -22.35 -11.27
C PHE C 143 4.75 -23.24 -10.70
N LEU C 144 4.01 -22.71 -9.72
CA LEU C 144 2.88 -23.35 -9.04
C LEU C 144 1.69 -22.44 -9.20
N PHE C 145 0.55 -23.00 -9.59
CA PHE C 145 -0.70 -22.25 -9.77
C PHE C 145 -1.84 -22.91 -9.05
N GLU C 146 -2.79 -22.09 -8.57
CA GLU C 146 -4.00 -22.56 -7.90
C GLU C 146 -5.23 -22.12 -8.68
N ILE C 147 -6.24 -22.99 -8.77
CA ILE C 147 -7.50 -22.68 -9.46
C ILE C 147 -8.60 -22.35 -8.42
N GLU C 148 -9.13 -21.10 -8.47
CA GLU C 148 -10.25 -20.65 -7.65
C GLU C 148 -11.52 -20.79 -8.47
N TYR C 149 -12.50 -21.51 -7.91
CA TYR C 149 -13.81 -21.73 -8.50
C TYR C 149 -14.84 -20.84 -7.83
N PHE C 150 -15.65 -20.17 -8.65
CA PHE C 150 -16.73 -19.32 -8.20
C PHE C 150 -18.00 -20.14 -8.12
N ASP C 151 -19.04 -19.63 -7.44
CA ASP C 151 -20.33 -20.32 -7.34
C ASP C 151 -21.09 -20.26 -8.69
N PRO C 152 -22.02 -21.20 -9.03
CA PRO C 152 -22.54 -22.33 -8.21
C PRO C 152 -21.60 -23.54 -8.09
N ALA C 153 -20.69 -23.70 -9.06
CA ALA C 153 -19.67 -24.74 -9.17
C ALA C 153 -19.00 -25.04 -7.81
N ASN C 154 -18.48 -23.98 -7.13
CA ASN C 154 -17.79 -24.09 -5.85
C ASN C 154 -18.68 -24.67 -4.78
N ALA C 155 -19.88 -24.10 -4.58
CA ALA C 155 -20.86 -24.54 -3.57
C ALA C 155 -21.26 -25.99 -3.79
N LYS C 156 -21.55 -26.33 -5.08
CA LYS C 156 -21.94 -27.64 -5.58
C LYS C 156 -20.93 -28.68 -5.13
N PHE C 157 -19.61 -28.44 -5.32
CA PHE C 157 -18.52 -29.34 -4.94
C PHE C 157 -18.51 -29.68 -3.45
N TYR C 158 -18.59 -28.66 -2.57
CA TYR C 158 -18.57 -28.85 -1.11
C TYR C 158 -19.86 -29.50 -0.59
N GLU C 159 -20.99 -29.25 -1.27
CA GLU C 159 -22.32 -29.82 -0.97
C GLU C 159 -22.26 -31.34 -1.23
N THR C 160 -21.61 -31.72 -2.35
CA THR C 160 -21.36 -33.09 -2.81
C THR C 160 -20.41 -33.77 -1.82
N LYS C 161 -19.36 -33.02 -1.38
CA LYS C 161 -18.33 -33.46 -0.44
C LYS C 161 -18.96 -33.84 0.91
N GLY C 162 -19.59 -32.87 1.58
CA GLY C 162 -20.19 -33.05 2.89
C GLY C 162 -19.14 -33.35 3.95
N GLU C 163 -19.42 -34.35 4.81
CA GLU C 163 -18.58 -34.80 5.91
C GLU C 163 -17.32 -35.55 5.41
N ARG C 164 -17.33 -36.03 4.14
CA ARG C 164 -16.24 -36.80 3.52
C ARG C 164 -14.99 -35.91 3.37
N ASP C 165 -13.80 -36.48 3.71
CA ASP C 165 -12.50 -35.79 3.65
C ASP C 165 -12.00 -35.72 2.19
N LEU C 166 -11.08 -34.77 1.90
CA LEU C 166 -10.56 -34.63 0.53
C LEU C 166 -9.20 -35.29 0.37
N ILE C 167 -9.00 -35.93 -0.80
CA ILE C 167 -7.79 -36.62 -1.24
C ILE C 167 -7.09 -35.72 -2.26
N TYR C 168 -5.75 -35.75 -2.30
CA TYR C 168 -4.97 -34.97 -3.24
C TYR C 168 -4.08 -35.91 -4.04
N ALA C 169 -4.28 -35.91 -5.36
CA ALA C 169 -3.53 -36.78 -6.27
C ALA C 169 -3.19 -36.04 -7.55
N PHE C 170 -2.15 -36.51 -8.22
CA PHE C 170 -1.63 -35.96 -9.45
C PHE C 170 -2.26 -36.57 -10.70
N HIS C 171 -2.31 -35.77 -11.78
CA HIS C 171 -2.76 -36.17 -13.11
C HIS C 171 -1.90 -35.47 -14.18
N GLY C 172 -1.12 -36.28 -14.90
CA GLY C 172 -0.28 -35.81 -15.98
C GLY C 172 -1.02 -35.81 -17.30
N SER C 173 -0.59 -34.92 -18.23
CA SER C 173 -1.18 -34.78 -19.57
C SER C 173 -0.29 -33.92 -20.46
N ARG C 174 -0.48 -34.04 -21.79
CA ARG C 174 0.18 -33.22 -22.81
C ARG C 174 -0.30 -31.79 -22.65
N LEU C 175 0.58 -30.81 -22.87
CA LEU C 175 0.29 -29.38 -22.66
C LEU C 175 -0.96 -28.88 -23.43
N GLU C 176 -1.12 -29.26 -24.71
CA GLU C 176 -2.25 -28.85 -25.56
C GLU C 176 -3.61 -29.29 -24.97
N ASN C 177 -3.64 -30.17 -23.95
CA ASN C 177 -4.89 -30.59 -23.33
C ASN C 177 -5.34 -29.74 -22.16
N PHE C 178 -4.42 -28.99 -21.52
CA PHE C 178 -4.71 -28.24 -20.30
C PHE C 178 -5.69 -27.04 -20.46
N HIS C 179 -5.80 -26.37 -21.63
CA HIS C 179 -6.79 -25.30 -21.81
C HIS C 179 -8.22 -25.86 -21.61
N SER C 180 -8.46 -27.01 -22.27
CA SER C 180 -9.70 -27.78 -22.25
C SER C 180 -9.89 -28.46 -20.88
N ILE C 181 -8.81 -29.00 -20.27
CA ILE C 181 -8.90 -29.64 -18.94
C ILE C 181 -9.37 -28.57 -17.93
N ILE C 182 -8.72 -27.41 -17.87
CA ILE C 182 -9.08 -26.35 -16.96
C ILE C 182 -10.53 -25.86 -17.16
N HIS C 183 -10.91 -25.47 -18.38
CA HIS C 183 -12.23 -24.90 -18.59
C HIS C 183 -13.36 -25.87 -18.65
N ASN C 184 -13.12 -27.10 -19.12
CA ASN C 184 -14.20 -28.08 -19.26
C ASN C 184 -14.14 -29.19 -18.21
N GLY C 185 -13.06 -29.22 -17.42
CA GLY C 185 -12.82 -30.21 -16.38
C GLY C 185 -12.28 -31.49 -16.94
N LEU C 186 -11.95 -32.46 -16.06
CA LEU C 186 -11.51 -33.77 -16.52
C LEU C 186 -12.75 -34.64 -16.91
N HIS C 187 -12.73 -35.20 -18.14
CA HIS C 187 -13.89 -35.99 -18.61
C HIS C 187 -13.61 -37.47 -18.47
N CYS C 188 -14.67 -38.31 -18.55
CA CYS C 188 -14.58 -39.76 -18.40
C CYS C 188 -15.09 -40.44 -19.69
N THR C 200 -10.93 -41.19 -15.09
CA THR C 200 -9.69 -40.40 -14.99
C THR C 200 -8.68 -41.16 -14.10
N TYR C 201 -7.45 -41.33 -14.61
CA TYR C 201 -6.39 -42.01 -13.87
C TYR C 201 -5.58 -40.99 -13.04
N LEU C 202 -5.37 -41.29 -11.75
CA LEU C 202 -4.64 -40.40 -10.84
C LEU C 202 -3.64 -41.20 -10.04
N THR C 203 -2.59 -40.51 -9.53
CA THR C 203 -1.54 -41.15 -8.75
C THR C 203 -1.01 -40.20 -7.67
N SER C 204 -0.57 -40.76 -6.54
CA SER C 204 0.01 -40.01 -5.43
C SER C 204 1.54 -39.78 -5.65
N ASP C 205 2.13 -40.44 -6.70
CA ASP C 205 3.53 -40.31 -7.08
C ASP C 205 3.64 -39.40 -8.30
N LEU C 206 4.17 -38.19 -8.08
CA LEU C 206 4.40 -37.18 -9.11
C LEU C 206 5.33 -37.76 -10.19
N SER C 207 6.22 -38.73 -9.83
CA SER C 207 7.13 -39.31 -10.81
C SER C 207 6.39 -40.13 -11.86
N LEU C 208 5.19 -40.70 -11.51
CA LEU C 208 4.35 -41.46 -12.44
C LEU C 208 3.56 -40.50 -13.32
N ALA C 209 2.97 -39.45 -12.70
CA ALA C 209 2.21 -38.43 -13.40
C ALA C 209 3.07 -37.72 -14.45
N LEU C 210 4.36 -37.46 -14.13
CA LEU C 210 5.29 -36.78 -15.02
C LEU C 210 5.56 -37.55 -16.30
N ILE C 211 5.53 -38.90 -16.28
CA ILE C 211 5.78 -39.66 -17.52
C ILE C 211 4.64 -39.40 -18.53
N TYR C 212 3.46 -38.92 -18.04
CA TYR C 212 2.28 -38.58 -18.85
C TYR C 212 2.24 -37.08 -19.23
N SER C 213 3.24 -36.30 -18.76
CA SER C 213 3.39 -34.86 -18.96
C SER C 213 4.67 -34.53 -19.70
N PRO C 214 4.85 -34.90 -20.98
CA PRO C 214 6.08 -34.48 -21.68
C PRO C 214 6.07 -32.98 -21.98
N HIS C 215 7.25 -32.37 -22.26
CA HIS C 215 7.35 -30.96 -22.62
C HIS C 215 6.62 -30.67 -23.94
N GLY C 216 5.94 -29.55 -24.02
CA GLY C 216 5.21 -29.14 -25.22
C GLY C 216 5.52 -27.71 -25.57
N HIS C 217 5.04 -27.27 -26.74
CA HIS C 217 5.28 -25.90 -27.15
C HIS C 217 4.19 -25.00 -26.60
N GLY C 218 4.60 -24.05 -25.78
CA GLY C 218 3.73 -23.04 -25.20
C GLY C 218 3.65 -21.84 -26.12
N TRP C 219 3.97 -20.66 -25.59
CA TRP C 219 3.90 -19.42 -26.35
C TRP C 219 5.29 -18.78 -26.43
N GLN C 220 5.73 -18.39 -27.63
CA GLN C 220 7.06 -17.80 -27.84
C GLN C 220 7.35 -16.56 -26.93
N HIS C 221 6.31 -15.79 -26.59
CA HIS C 221 6.48 -14.57 -25.80
C HIS C 221 6.14 -14.76 -24.31
N SER C 222 6.10 -16.03 -23.86
CA SER C 222 5.79 -16.34 -22.47
C SER C 222 6.94 -16.01 -21.52
N LEU C 223 6.58 -15.48 -20.33
CA LEU C 223 7.48 -15.18 -19.20
C LEU C 223 7.91 -16.48 -18.53
N LEU C 224 7.12 -17.55 -18.76
CA LEU C 224 7.32 -18.91 -18.27
C LEU C 224 8.29 -19.66 -19.17
N GLY C 225 8.51 -19.16 -20.38
CA GLY C 225 9.35 -19.80 -21.39
C GLY C 225 8.51 -20.45 -22.47
N PRO C 226 9.13 -20.79 -23.62
CA PRO C 226 8.35 -21.37 -24.74
C PRO C 226 8.05 -22.86 -24.66
N ILE C 227 8.84 -23.65 -23.92
CA ILE C 227 8.60 -25.10 -23.81
C ILE C 227 8.31 -25.44 -22.37
N LEU C 228 7.09 -25.97 -22.14
CA LEU C 228 6.56 -26.27 -20.82
C LEU C 228 5.97 -27.66 -20.67
N SER C 229 5.99 -28.15 -19.42
CA SER C 229 5.38 -29.39 -18.93
C SER C 229 4.43 -29.02 -17.77
N CYS C 230 3.19 -29.51 -17.84
CA CYS C 230 2.16 -29.19 -16.84
C CYS C 230 1.58 -30.47 -16.21
N VAL C 231 1.47 -30.50 -14.87
CA VAL C 231 0.93 -31.62 -14.08
C VAL C 231 -0.17 -31.05 -13.23
N ALA C 232 -1.33 -31.70 -13.18
CA ALA C 232 -2.45 -31.25 -12.36
C ALA C 232 -2.45 -31.91 -10.97
N VAL C 233 -2.92 -31.17 -9.95
CA VAL C 233 -3.15 -31.67 -8.59
C VAL C 233 -4.66 -31.59 -8.42
N CYS C 234 -5.26 -32.72 -8.07
CA CYS C 234 -6.71 -32.80 -7.98
C CYS C 234 -7.19 -32.93 -6.56
N GLU C 235 -8.33 -32.28 -6.27
CA GLU C 235 -9.10 -32.36 -5.03
C GLU C 235 -10.10 -33.48 -5.29
N VAL C 236 -9.99 -34.61 -4.58
CA VAL C 236 -10.87 -35.76 -4.82
C VAL C 236 -11.72 -36.03 -3.57
N ILE C 237 -13.06 -36.03 -3.73
CA ILE C 237 -13.99 -36.35 -2.63
C ILE C 237 -13.84 -37.84 -2.38
N ASP C 238 -13.40 -38.22 -1.16
CA ASP C 238 -13.16 -39.62 -0.78
C ASP C 238 -14.47 -40.43 -0.70
N HIS C 239 -14.59 -41.42 -1.62
CA HIS C 239 -15.63 -42.43 -1.80
C HIS C 239 -14.91 -43.70 -2.33
N PRO C 240 -15.34 -44.97 -2.05
CA PRO C 240 -14.59 -46.14 -2.55
C PRO C 240 -14.26 -46.12 -4.06
N LYS C 272 1.76 -47.00 -7.51
CA LYS C 272 0.31 -47.15 -7.39
C LYS C 272 -0.43 -46.02 -8.07
N TYR C 273 -1.59 -46.32 -8.67
CA TYR C 273 -2.49 -45.35 -9.29
C TYR C 273 -3.94 -45.76 -8.91
N PHE C 274 -4.92 -44.93 -9.28
CA PHE C 274 -6.34 -45.22 -9.03
C PHE C 274 -7.20 -44.45 -10.04
N VAL C 275 -8.42 -44.97 -10.31
CA VAL C 275 -9.33 -44.40 -11.32
C VAL C 275 -10.62 -43.82 -10.69
N VAL C 276 -10.99 -42.60 -11.13
CA VAL C 276 -12.19 -41.85 -10.73
C VAL C 276 -13.15 -41.86 -11.94
N THR C 277 -14.31 -42.53 -11.77
CA THR C 277 -15.34 -42.71 -12.79
C THR C 277 -16.37 -41.57 -12.83
N ASN C 278 -16.90 -41.14 -11.66
CA ASN C 278 -17.87 -40.04 -11.63
C ASN C 278 -17.09 -38.72 -11.49
N ASN C 279 -17.13 -37.89 -12.54
CA ASN C 279 -16.38 -36.62 -12.62
C ASN C 279 -16.96 -35.50 -11.73
N GLN C 280 -18.00 -35.78 -10.92
CA GLN C 280 -18.56 -34.81 -9.96
C GLN C 280 -17.76 -34.87 -8.64
N LEU C 281 -16.87 -35.91 -8.50
CA LEU C 281 -16.05 -36.22 -7.32
C LEU C 281 -14.64 -35.64 -7.37
N LEU C 282 -14.30 -34.89 -8.43
CA LEU C 282 -12.96 -34.33 -8.53
C LEU C 282 -12.93 -32.99 -9.28
N ARG C 283 -11.83 -32.26 -9.11
CA ARG C 283 -11.57 -31.00 -9.79
C ARG C 283 -10.09 -30.66 -9.70
N VAL C 284 -9.55 -30.06 -10.78
CA VAL C 284 -8.17 -29.63 -10.79
C VAL C 284 -8.08 -28.45 -9.81
N LYS C 285 -7.16 -28.52 -8.83
CA LYS C 285 -7.02 -27.44 -7.85
C LYS C 285 -5.68 -26.74 -8.03
N TYR C 286 -4.62 -27.47 -8.40
CA TYR C 286 -3.32 -26.85 -8.64
C TYR C 286 -2.72 -27.26 -9.99
N LEU C 287 -1.75 -26.47 -10.45
CA LEU C 287 -1.02 -26.75 -11.68
C LEU C 287 0.48 -26.61 -11.43
N LEU C 288 1.23 -27.71 -11.64
CA LEU C 288 2.69 -27.70 -11.50
C LEU C 288 3.27 -27.53 -12.89
N VAL C 289 3.95 -26.39 -13.13
CA VAL C 289 4.51 -26.03 -14.44
C VAL C 289 6.03 -26.10 -14.37
N TYR C 290 6.61 -26.78 -15.36
CA TYR C 290 8.04 -26.99 -15.51
C TYR C 290 8.51 -26.41 -16.83
N SER C 291 9.56 -25.54 -16.82
CA SER C 291 10.16 -24.97 -18.04
C SER C 291 11.42 -25.69 -18.42
N GLN C 292 11.54 -26.04 -19.69
CA GLN C 292 12.75 -26.63 -20.25
C GLN C 292 13.77 -25.51 -20.47
C01 UHB D . -8.95 15.45 2.31
C02 UHB D . -9.44 16.76 2.35
C03 UHB D . -10.67 17.11 2.97
C04 UHB D . -11.57 16.12 3.42
C05 UHB D . -11.11 14.75 3.39
C06 UHB D . -9.84 14.43 2.87
C07 UHB D . -9.66 13.08 2.97
C08 UHB D . -11.58 13.52 3.80
N09 UHB D . -10.65 12.51 3.51
O10 UHB D . -8.69 12.43 2.60
N11 UHB D . -12.78 16.59 3.90
C12 UHB D . -13.91 16.02 4.20
O13 UHB D . -14.20 14.91 3.81
C14 UHB D . -15.04 16.81 4.78
N15 UHB D . -16.10 16.05 5.58
C16 UHB D . -17.20 15.79 4.63
C17 UHB D . -18.31 14.96 5.09
N18 UHB D . -17.80 13.68 5.65
C19 UHB D . -16.80 13.77 6.71
C20 UHB D . -15.85 15.00 6.62
C21 UHB D . -18.32 12.49 5.13
C22 UHB D . -17.81 11.12 5.76
C23 UHB D . -16.47 10.86 5.35
C24 UHB D . -16.39 9.61 4.62
C25 UHB D . -17.66 9.02 5.03
O26 UHB D . -18.44 10.09 5.01
O27 UHB D . -19.22 12.46 4.12
O28 UHB D . -15.71 10.90 6.31
O29 UHB D . -15.15 8.91 4.72
N30 UHB D . -18.31 8.08 4.05
C31 UHB D . -19.31 6.26 3.49
C32 UHB D . -18.84 6.97 4.52
C33 UHB D . -18.45 8.07 2.73
N34 UHB D . -19.05 6.92 2.37
N35 UHB D . -19.93 4.67 5.02
C36 UHB D . -19.50 5.45 6.21
N37 UHB D . -18.90 6.66 5.83
C38 UHB D . -19.89 5.08 3.72
N39 UHB D . -20.37 4.26 2.72
C01 UHB E . -0.37 23.79 12.32
C02 UHB E . -1.56 24.52 12.05
C03 UHB E . -1.58 25.77 11.39
C04 UHB E . -0.33 26.29 10.98
C05 UHB E . 0.87 25.62 11.20
C06 UHB E . 0.84 24.41 11.83
C07 UHB E . 2.07 24.02 11.86
C08 UHB E . 2.17 25.91 10.86
N09 UHB E . 2.88 24.82 11.27
O10 UHB E . 2.44 22.99 12.39
N11 UHB E . -0.22 27.48 10.48
C12 UHB E . -0.64 28.48 9.99
O13 UHB E . -1.71 28.56 9.52
C14 UHB E . 0.41 29.52 10.03
N15 UHB E . 0.28 30.36 8.91
C16 UHB E . 0.41 31.67 9.51
C17 UHB E . 1.31 32.68 8.85
N18 UHB E . 2.52 31.99 8.44
C19 UHB E . 2.27 30.91 7.42
C20 UHB E . 1.06 29.98 7.74
C21 UHB E . 3.78 32.35 9.01
C22 UHB E . 5.04 31.52 8.51
C23 UHB E . 5.09 30.12 9.08
C24 UHB E . 6.17 30.26 10.12
C25 UHB E . 7.04 31.33 9.60
O26 UHB E . 6.11 32.24 9.12
O27 UHB E . 3.93 33.31 9.90
O28 UHB E . 5.09 28.95 8.24
O29 UHB E . 6.85 29.10 10.48
N30 UHB E . 7.99 31.91 10.61
C31 UHB E . 9.84 32.79 11.42
C32 UHB E . 9.19 32.39 10.29
C33 UHB E . 7.87 32.00 11.97
N34 UHB E . 9.00 32.54 12.45
N35 UHB E . 11.78 33.43 10.15
C36 UHB E . 11.10 33.03 8.87
N37 UHB E . 9.74 32.48 9.09
C38 UHB E . 11.13 33.30 11.32
N39 UHB E . 11.80 33.67 12.36
#